data_3VS5
#
_entry.id   3VS5
#
_cell.length_a   73.489
_cell.length_b   94.826
_cell.length_c   179.982
_cell.angle_alpha   90.00
_cell.angle_beta   90.00
_cell.angle_gamma   90.00
#
_symmetry.space_group_name_H-M   'P 21 21 21'
#
loop_
_entity.id
_entity.type
_entity.pdbx_description
1 polymer 'Tyrosine-protein kinase HCK'
2 non-polymer 7-(1-methylpiperidin-4-yl)-5-(4-phenoxyphenyl)-7H-pyrrolo[2,3-d]pyrimidin-4-amine
3 non-polymer 'CALCIUM ION'
4 water water
#
_entity_poly.entity_id   1
_entity_poly.type   'polypeptide(L)'
_entity_poly.pdbx_seq_one_letter_code
;GAMGSGIRIIVVALYDYEAIHHEDLSFQKGDQMVVLEESGEWWKARSLATRKEGYIPSNYVARVDSLETEEWFFKGISRK
DAERQLLAPGNMLGSFMIRDSETTKGSYSLSVRDYDPRQGDTVKHYKIRTLDNGGFYISPRSTFSTLQELVDHYKKGNDG
LCQKLSVPCMSSKPQKPWEKDAWEIPRESLKLEKKLGAGQFGEVWMATYNKHTKVAVKTMKPGSMSVEAFLAEANVMKTL
QHDKLVKLHAVVTKEPIYIITEFMAKGSLLDFLKSDEGSKQPLPKLIDFSAQIAEGMAFIEQRNYIHRDLRAANILVSAS
LVCKIADFGLARVIEDNEYTAREGAKFPIKWTAPEAINFGSFTIKSDVWSFGILLMEIVTYGRIPYPGMSNPEVIRALER
GYRMPRPENCPEELYNIMMRCWKNRPEERPTFEYIQSVLDDFYTATESQ(PTR)EEIP
;
_entity_poly.pdbx_strand_id   A,B
#
loop_
_chem_comp.id
_chem_comp.type
_chem_comp.name
_chem_comp.formula
CA non-polymer 'CALCIUM ION' 'Ca 2'
VSG non-polymer 7-(1-methylpiperidin-4-yl)-5-(4-phenoxyphenyl)-7H-pyrrolo[2,3-d]pyrimidin-4-amine 'C24 H25 N5 O'
#
# COMPACT_ATOMS: atom_id res chain seq x y z
N ARG A 8 -25.31 -28.91 -28.21
CA ARG A 8 -26.53 -28.83 -27.40
C ARG A 8 -26.23 -28.36 -25.99
N ILE A 9 -26.63 -27.11 -25.69
CA ILE A 9 -26.32 -26.46 -24.41
C ILE A 9 -27.61 -26.15 -23.63
N ILE A 10 -27.62 -26.43 -22.33
CA ILE A 10 -28.81 -26.18 -21.51
C ILE A 10 -28.50 -25.31 -20.30
N VAL A 11 -29.24 -24.22 -20.15
CA VAL A 11 -29.06 -23.29 -19.04
C VAL A 11 -30.26 -23.31 -18.10
N VAL A 12 -30.14 -22.69 -16.93
CA VAL A 12 -31.21 -22.64 -15.94
C VAL A 12 -31.37 -21.20 -15.44
N ALA A 13 -32.62 -20.79 -15.23
CA ALA A 13 -32.92 -19.42 -14.77
C ALA A 13 -32.56 -19.22 -13.30
N LEU A 14 -31.71 -18.23 -13.05
CA LEU A 14 -31.26 -17.93 -11.68
C LEU A 14 -32.25 -17.00 -10.97
N TYR A 15 -32.95 -16.19 -11.75
CA TYR A 15 -33.93 -15.25 -11.20
C TYR A 15 -35.21 -15.22 -12.03
N ASP A 16 -36.25 -14.61 -11.49
CA ASP A 16 -37.45 -14.36 -12.27
C ASP A 16 -37.13 -13.23 -13.25
N TYR A 17 -37.70 -13.30 -14.44
CA TYR A 17 -37.59 -12.22 -15.41
C TYR A 17 -38.92 -12.05 -16.13
N GLU A 18 -39.35 -10.80 -16.26
CA GLU A 18 -40.57 -10.48 -17.00
C GLU A 18 -40.21 -9.81 -18.33
N ALA A 19 -40.81 -10.30 -19.40
CA ALA A 19 -40.56 -9.73 -20.73
C ALA A 19 -41.10 -8.29 -20.80
N ILE A 20 -40.32 -7.39 -21.39
CA ILE A 20 -40.74 -6.00 -21.56
C ILE A 20 -40.39 -5.43 -22.93
N HIS A 21 -39.91 -6.29 -23.82
CA HIS A 21 -39.64 -5.89 -25.20
C HIS A 21 -40.48 -6.71 -26.16
N HIS A 22 -40.32 -6.48 -27.46
CA HIS A 22 -41.10 -7.23 -28.47
C HIS A 22 -40.83 -8.73 -28.37
N GLU A 23 -39.55 -9.10 -28.45
CA GLU A 23 -39.14 -10.46 -28.73
C GLU A 23 -38.37 -11.19 -27.62
N ASP A 24 -38.39 -10.67 -26.40
CA ASP A 24 -37.73 -11.39 -25.30
C ASP A 24 -38.70 -12.34 -24.58
N LEU A 25 -38.17 -13.15 -23.67
CA LEU A 25 -38.96 -14.22 -23.04
C LEU A 25 -39.25 -13.96 -21.58
N SER A 26 -40.39 -14.44 -21.12
CA SER A 26 -40.70 -14.43 -19.69
C SER A 26 -40.38 -15.81 -19.13
N PHE A 27 -39.74 -15.83 -17.97
CA PHE A 27 -39.41 -17.07 -17.28
C PHE A 27 -39.32 -16.91 -15.77
N GLN A 28 -39.49 -18.01 -15.05
CA GLN A 28 -39.38 -18.00 -13.60
C GLN A 28 -38.08 -18.67 -13.17
N LYS A 29 -37.74 -18.55 -11.89
CA LYS A 29 -36.52 -19.16 -11.35
C LYS A 29 -36.65 -20.69 -11.35
N GLY A 30 -35.64 -21.36 -11.89
CA GLY A 30 -35.67 -22.82 -11.98
C GLY A 30 -35.98 -23.28 -13.39
N ASP A 31 -36.43 -22.35 -14.23
CA ASP A 31 -36.77 -22.66 -15.63
C ASP A 31 -35.55 -23.05 -16.45
N GLN A 32 -35.63 -24.21 -17.10
CA GLN A 32 -34.57 -24.64 -17.99
C GLN A 32 -34.89 -24.21 -19.42
N MET A 33 -33.86 -23.93 -20.19
CA MET A 33 -34.04 -23.54 -21.58
C MET A 33 -32.80 -23.87 -22.40
N VAL A 34 -32.97 -23.97 -23.72
CA VAL A 34 -31.92 -24.37 -24.64
C VAL A 34 -31.29 -23.15 -25.28
N VAL A 35 -29.97 -23.07 -25.33
CA VAL A 35 -29.32 -21.92 -25.93
C VAL A 35 -29.17 -22.09 -27.45
N LEU A 36 -29.83 -21.22 -28.19
CA LEU A 36 -29.83 -21.28 -29.65
C LEU A 36 -28.73 -20.40 -30.23
N GLU A 37 -28.32 -19.39 -29.47
CA GLU A 37 -27.40 -18.37 -29.98
C GLU A 37 -26.76 -17.54 -28.85
N GLU A 38 -25.45 -17.32 -28.92
CA GLU A 38 -24.75 -16.48 -27.95
C GLU A 38 -24.26 -15.19 -28.58
N SER A 39 -24.54 -14.06 -27.93
CA SER A 39 -24.31 -12.74 -28.53
C SER A 39 -24.26 -11.61 -27.52
N GLY A 40 -23.60 -11.83 -26.39
CA GLY A 40 -23.41 -10.77 -25.41
C GLY A 40 -24.36 -10.75 -24.22
N GLU A 41 -25.01 -9.62 -24.01
CA GLU A 41 -25.93 -9.49 -22.87
C GLU A 41 -27.28 -10.13 -23.15
N TRP A 42 -27.62 -10.29 -24.42
CA TRP A 42 -28.85 -10.97 -24.81
C TRP A 42 -28.51 -12.24 -25.57
N TRP A 43 -29.14 -13.35 -25.18
CA TRP A 43 -29.00 -14.63 -25.87
C TRP A 43 -30.36 -15.07 -26.40
N LYS A 44 -30.34 -15.88 -27.46
CA LYS A 44 -31.56 -16.46 -28.00
C LYS A 44 -31.71 -17.85 -27.39
N ALA A 45 -32.87 -18.14 -26.79
CA ALA A 45 -33.07 -19.42 -26.12
C ALA A 45 -34.37 -20.12 -26.54
N ARG A 46 -34.62 -21.30 -25.99
CA ARG A 46 -35.90 -21.97 -26.15
C ARG A 46 -36.38 -22.49 -24.80
N SER A 47 -37.38 -21.83 -24.23
CA SER A 47 -37.94 -22.21 -22.94
C SER A 47 -38.44 -23.66 -22.95
N LEU A 48 -38.02 -24.45 -21.97
CA LEU A 48 -38.45 -25.84 -21.94
C LEU A 48 -39.85 -25.98 -21.35
N ALA A 49 -40.31 -24.92 -20.69
CA ALA A 49 -41.62 -24.90 -20.05
C ALA A 49 -42.71 -24.29 -20.94
N THR A 50 -42.30 -23.39 -21.84
CA THR A 50 -43.24 -22.73 -22.75
C THR A 50 -42.97 -23.05 -24.22
N ARG A 51 -41.77 -23.53 -24.50
CA ARG A 51 -41.38 -23.92 -25.85
C ARG A 51 -41.30 -22.75 -26.82
N LYS A 52 -41.22 -21.54 -26.25
CA LYS A 52 -41.08 -20.31 -27.01
C LYS A 52 -39.61 -19.97 -27.26
N GLU A 53 -39.28 -19.68 -28.52
CA GLU A 53 -37.94 -19.18 -28.84
C GLU A 53 -37.97 -17.67 -28.68
N GLY A 54 -36.91 -17.09 -28.10
CA GLY A 54 -36.86 -15.66 -27.88
C GLY A 54 -35.57 -15.20 -27.23
N TYR A 55 -35.52 -13.96 -26.76
CA TYR A 55 -34.31 -13.43 -26.13
C TYR A 55 -34.35 -13.47 -24.60
N ILE A 56 -33.20 -13.75 -23.99
CA ILE A 56 -33.04 -13.74 -22.54
C ILE A 56 -31.79 -12.95 -22.16
N PRO A 57 -31.76 -12.37 -20.95
CA PRO A 57 -30.56 -11.69 -20.47
C PRO A 57 -29.51 -12.74 -20.07
N SER A 58 -28.32 -12.65 -20.66
CA SER A 58 -27.31 -13.70 -20.47
C SER A 58 -26.73 -13.77 -19.06
N ASN A 59 -27.11 -12.83 -18.20
CA ASN A 59 -26.63 -12.83 -16.81
C ASN A 59 -27.67 -13.33 -15.80
N TYR A 60 -28.82 -13.79 -16.30
CA TYR A 60 -29.89 -14.35 -15.46
C TYR A 60 -29.90 -15.87 -15.55
N VAL A 61 -29.01 -16.41 -16.36
CA VAL A 61 -28.89 -17.86 -16.48
C VAL A 61 -27.44 -18.33 -16.30
N ALA A 62 -27.27 -19.63 -16.11
CA ALA A 62 -25.95 -20.30 -16.15
C ALA A 62 -26.22 -21.77 -16.45
N ARG A 63 -25.21 -22.48 -16.95
CA ARG A 63 -25.36 -23.91 -17.27
C ARG A 63 -25.89 -24.73 -16.08
N VAL A 64 -26.70 -25.75 -16.38
CA VAL A 64 -27.29 -26.63 -15.36
C VAL A 64 -26.20 -27.29 -14.49
N ASP A 65 -26.51 -27.55 -13.21
CA ASP A 65 -25.59 -28.26 -12.30
C ASP A 65 -24.25 -27.53 -12.05
N SER A 66 -23.90 -26.61 -12.93
CA SER A 66 -22.72 -25.76 -12.81
C SER A 66 -22.69 -24.99 -11.47
N LEU A 67 -21.55 -24.39 -11.15
CA LEU A 67 -21.31 -23.81 -9.83
C LEU A 67 -22.19 -22.62 -9.45
N GLU A 68 -22.62 -21.86 -10.45
CA GLU A 68 -23.34 -20.60 -10.23
C GLU A 68 -24.82 -20.85 -9.95
N THR A 69 -25.23 -22.10 -10.13
CA THR A 69 -26.60 -22.51 -9.83
C THR A 69 -26.82 -22.64 -8.32
N GLU A 70 -25.73 -22.61 -7.55
CA GLU A 70 -25.81 -22.81 -6.12
C GLU A 70 -25.97 -21.48 -5.37
N GLU A 71 -26.73 -21.51 -4.28
CA GLU A 71 -27.16 -20.28 -3.59
C GLU A 71 -26.00 -19.58 -2.88
N TRP A 72 -25.01 -20.37 -2.52
CA TRP A 72 -23.86 -19.90 -1.77
C TRP A 72 -22.68 -19.46 -2.64
N PHE A 73 -22.78 -19.69 -3.96
CA PHE A 73 -21.70 -19.29 -4.87
C PHE A 73 -21.94 -17.94 -5.51
N PHE A 74 -20.90 -17.11 -5.48
CA PHE A 74 -20.96 -15.77 -6.05
C PHE A 74 -19.80 -15.58 -7.01
N LYS A 75 -20.12 -15.45 -8.30
CA LYS A 75 -19.11 -15.32 -9.33
C LYS A 75 -18.72 -13.84 -9.49
N GLY A 76 -17.44 -13.59 -9.68
CA GLY A 76 -16.95 -12.25 -9.97
C GLY A 76 -16.90 -11.29 -8.80
N ILE A 77 -16.91 -11.83 -7.58
CA ILE A 77 -16.84 -10.99 -6.39
C ILE A 77 -15.42 -10.90 -5.83
N SER A 78 -14.90 -9.66 -5.72
CA SER A 78 -13.60 -9.43 -5.07
C SER A 78 -13.75 -9.63 -3.56
N ARG A 79 -12.64 -9.80 -2.85
CA ARG A 79 -12.67 -9.99 -1.41
C ARG A 79 -13.44 -8.84 -0.74
N LYS A 80 -13.23 -7.63 -1.25
CA LYS A 80 -13.85 -6.45 -0.70
C LYS A 80 -15.34 -6.37 -1.02
N ASP A 81 -15.76 -6.89 -2.17
CA ASP A 81 -17.21 -6.93 -2.50
C ASP A 81 -17.96 -7.90 -1.58
N ALA A 82 -17.33 -9.05 -1.32
CA ALA A 82 -17.89 -10.05 -0.41
C ALA A 82 -18.08 -9.47 0.99
N GLU A 83 -17.08 -8.73 1.46
CA GLU A 83 -17.20 -8.03 2.73
C GLU A 83 -18.41 -7.06 2.73
N ARG A 84 -18.58 -6.28 1.66
CA ARG A 84 -19.70 -5.34 1.58
C ARG A 84 -21.06 -5.98 1.45
N GLN A 85 -21.15 -7.07 0.69
CA GLN A 85 -22.43 -7.75 0.47
C GLN A 85 -22.91 -8.50 1.72
N LEU A 86 -21.94 -9.00 2.49
CA LEU A 86 -22.23 -9.76 3.72
C LEU A 86 -22.48 -8.86 4.93
N LEU A 87 -22.07 -7.60 4.85
CA LEU A 87 -22.41 -6.60 5.88
C LEU A 87 -23.68 -5.81 5.53
N ALA A 88 -24.31 -6.18 4.41
CA ALA A 88 -25.57 -5.57 3.98
C ALA A 88 -26.77 -6.17 4.74
N PRO A 89 -27.74 -5.32 5.11
CA PRO A 89 -28.94 -5.70 5.87
C PRO A 89 -29.66 -6.92 5.30
N GLY A 90 -30.02 -7.87 6.18
CA GLY A 90 -30.67 -9.10 5.76
C GLY A 90 -29.81 -10.33 5.98
N ASN A 91 -28.57 -10.11 6.40
CA ASN A 91 -27.65 -11.19 6.71
C ASN A 91 -27.41 -11.27 8.21
N MET A 92 -26.80 -12.35 8.67
CA MET A 92 -26.59 -12.60 10.10
C MET A 92 -25.31 -13.37 10.36
N LEU A 93 -25.08 -13.74 11.62
CA LEU A 93 -23.93 -14.57 11.99
C LEU A 93 -23.92 -15.84 11.15
N GLY A 94 -22.77 -16.16 10.58
CA GLY A 94 -22.64 -17.35 9.76
C GLY A 94 -23.07 -17.17 8.32
N SER A 95 -23.67 -16.03 8.01
CA SER A 95 -23.96 -15.70 6.61
C SER A 95 -22.66 -15.84 5.83
N PHE A 96 -22.70 -16.67 4.79
CA PHE A 96 -21.48 -17.07 4.12
C PHE A 96 -21.63 -17.05 2.61
N MET A 97 -20.49 -17.07 1.92
CA MET A 97 -20.46 -17.29 0.49
C MET A 97 -19.13 -17.95 0.11
N ILE A 98 -19.19 -18.87 -0.84
CA ILE A 98 -17.98 -19.34 -1.50
C ILE A 98 -17.90 -18.59 -2.81
N ARG A 99 -16.70 -18.13 -3.18
CA ARG A 99 -16.53 -17.26 -4.33
C ARG A 99 -15.17 -17.49 -4.98
N ASP A 100 -14.95 -16.87 -6.12
CA ASP A 100 -13.65 -16.97 -6.79
C ASP A 100 -12.56 -16.29 -5.97
N SER A 101 -11.36 -16.87 -5.96
CA SER A 101 -10.22 -16.20 -5.35
C SER A 101 -9.86 -15.02 -6.22
N GLU A 102 -9.54 -13.90 -5.59
CA GLU A 102 -9.17 -12.68 -6.31
C GLU A 102 -7.66 -12.66 -6.52
N THR A 103 -6.94 -13.40 -5.67
CA THR A 103 -5.48 -13.43 -5.71
C THR A 103 -4.90 -14.70 -6.34
N THR A 104 -5.42 -15.87 -5.96
CA THR A 104 -4.99 -17.15 -6.54
C THR A 104 -5.97 -17.60 -7.63
N LYS A 105 -5.68 -17.22 -8.87
CA LYS A 105 -6.65 -17.36 -9.95
C LYS A 105 -6.97 -18.81 -10.32
N GLY A 106 -8.25 -19.17 -10.25
CA GLY A 106 -8.67 -20.53 -10.50
C GLY A 106 -9.01 -21.30 -9.24
N SER A 107 -8.87 -20.65 -8.09
CA SER A 107 -9.22 -21.28 -6.83
C SER A 107 -10.36 -20.53 -6.16
N TYR A 108 -10.92 -21.11 -5.10
CA TYR A 108 -12.08 -20.51 -4.44
C TYR A 108 -11.81 -20.04 -3.01
N SER A 109 -12.62 -19.11 -2.54
CA SER A 109 -12.51 -18.60 -1.18
C SER A 109 -13.85 -18.56 -0.44
N LEU A 110 -13.81 -18.77 0.87
CA LEU A 110 -15.00 -18.72 1.70
C LEU A 110 -15.00 -17.43 2.52
N SER A 111 -16.09 -16.67 2.46
CA SER A 111 -16.25 -15.47 3.28
C SER A 111 -17.42 -15.65 4.26
N VAL A 112 -17.15 -15.48 5.56
CA VAL A 112 -18.18 -15.68 6.59
C VAL A 112 -18.37 -14.49 7.53
N ARG A 113 -19.63 -14.14 7.80
CA ARG A 113 -19.96 -13.00 8.66
C ARG A 113 -19.73 -13.37 10.13
N ASP A 114 -18.88 -12.61 10.80
CA ASP A 114 -18.49 -12.91 12.18
C ASP A 114 -18.89 -11.75 13.08
N TYR A 115 -18.73 -11.94 14.39
CA TYR A 115 -18.92 -10.87 15.36
C TYR A 115 -17.94 -11.02 16.52
N ASP A 116 -17.17 -9.96 16.78
CA ASP A 116 -16.47 -9.82 18.06
C ASP A 116 -16.73 -8.44 18.68
N PRO A 117 -17.00 -8.40 20.00
CA PRO A 117 -17.56 -7.22 20.69
C PRO A 117 -16.63 -6.02 20.67
N ARG A 118 -15.45 -6.17 20.09
CA ARG A 118 -14.44 -5.14 20.11
C ARG A 118 -14.42 -4.35 18.80
N GLN A 119 -14.96 -4.97 17.74
CA GLN A 119 -15.04 -4.35 16.42
C GLN A 119 -16.49 -4.35 15.90
N GLY A 120 -17.27 -5.33 16.35
CA GLY A 120 -18.64 -5.49 15.89
C GLY A 120 -18.73 -6.57 14.84
N ASP A 121 -19.62 -6.40 13.88
CA ASP A 121 -19.73 -7.35 12.78
C ASP A 121 -18.50 -7.24 11.88
N THR A 122 -17.96 -8.41 11.50
CA THR A 122 -16.87 -8.46 10.54
C THR A 122 -17.19 -9.50 9.48
N VAL A 123 -16.34 -9.54 8.45
CA VAL A 123 -16.33 -10.63 7.49
C VAL A 123 -14.91 -11.19 7.49
N LYS A 124 -14.78 -12.49 7.70
CA LYS A 124 -13.48 -13.14 7.69
C LYS A 124 -13.40 -14.05 6.47
N HIS A 125 -12.22 -14.18 5.87
CA HIS A 125 -12.06 -14.91 4.62
C HIS A 125 -11.12 -16.09 4.78
N TYR A 126 -11.43 -17.19 4.09
CA TYR A 126 -10.60 -18.39 4.14
C TYR A 126 -10.24 -18.80 2.74
N LYS A 127 -9.01 -19.28 2.54
CA LYS A 127 -8.64 -19.79 1.23
C LYS A 127 -9.01 -21.25 1.14
N ILE A 128 -9.67 -21.62 0.05
CA ILE A 128 -9.95 -23.02 -0.20
C ILE A 128 -8.90 -23.54 -1.19
N ARG A 129 -8.32 -24.69 -0.88
CA ARG A 129 -7.28 -25.24 -1.72
C ARG A 129 -7.83 -26.44 -2.50
N THR A 130 -7.58 -26.41 -3.81
CA THR A 130 -7.56 -27.61 -4.66
C THR A 130 -7.16 -28.87 -3.87
N GLY A 135 -11.10 -32.34 -5.71
CA GLY A 135 -10.87 -32.28 -4.27
C GLY A 135 -10.69 -30.86 -3.74
N PHE A 136 -11.20 -30.61 -2.53
CA PHE A 136 -11.10 -29.28 -1.90
C PHE A 136 -10.90 -29.37 -0.39
N TYR A 137 -10.13 -28.44 0.16
CA TYR A 137 -9.94 -28.36 1.61
C TYR A 137 -9.65 -26.92 2.05
N ILE A 138 -10.07 -26.57 3.27
CA ILE A 138 -9.62 -25.32 3.90
C ILE A 138 -8.56 -25.69 4.93
N SER A 139 -8.96 -26.47 5.92
CA SER A 139 -8.04 -27.11 6.85
C SER A 139 -7.50 -28.39 6.20
N PRO A 140 -6.17 -28.57 6.18
CA PRO A 140 -5.57 -29.78 5.63
C PRO A 140 -6.03 -31.04 6.37
N ARG A 141 -6.35 -30.87 7.65
CA ARG A 141 -6.93 -31.93 8.49
C ARG A 141 -8.21 -32.51 7.90
N SER A 142 -9.00 -31.69 7.22
CA SER A 142 -10.31 -32.12 6.70
C SER A 142 -10.50 -31.82 5.20
N THR A 143 -10.61 -32.87 4.39
CA THR A 143 -10.76 -32.74 2.93
C THR A 143 -12.15 -33.19 2.48
N PHE A 144 -12.64 -32.59 1.38
CA PHE A 144 -13.97 -32.87 0.86
C PHE A 144 -13.97 -33.08 -0.66
N SER A 145 -14.90 -33.90 -1.15
CA SER A 145 -14.96 -34.22 -2.58
C SER A 145 -15.57 -33.06 -3.38
N THR A 146 -16.62 -32.45 -2.85
CA THR A 146 -17.27 -31.32 -3.50
C THR A 146 -17.32 -30.07 -2.61
N LEU A 147 -17.74 -28.94 -3.18
CA LEU A 147 -17.88 -27.71 -2.42
C LEU A 147 -19.13 -27.74 -1.54
N GLN A 148 -20.09 -28.60 -1.89
CA GLN A 148 -21.27 -28.78 -1.06
C GLN A 148 -20.93 -29.57 0.19
N GLU A 149 -20.01 -30.53 0.05
CA GLU A 149 -19.56 -31.33 1.17
C GLU A 149 -18.83 -30.44 2.19
N LEU A 150 -17.90 -29.65 1.69
CA LEU A 150 -17.27 -28.56 2.45
C LEU A 150 -18.34 -27.79 3.21
N VAL A 151 -19.26 -27.19 2.48
CA VAL A 151 -20.31 -26.35 3.06
C VAL A 151 -21.15 -27.12 4.06
N ASP A 152 -21.60 -28.31 3.67
CA ASP A 152 -22.45 -29.14 4.55
C ASP A 152 -21.76 -29.48 5.87
N HIS A 153 -20.44 -29.62 5.83
CA HIS A 153 -19.66 -29.88 7.04
C HIS A 153 -19.68 -28.67 7.97
N TYR A 154 -19.01 -27.59 7.57
CA TYR A 154 -18.90 -26.39 8.39
C TYR A 154 -20.27 -25.77 8.70
N LYS A 155 -21.31 -26.28 8.06
CA LYS A 155 -22.68 -25.85 8.35
C LYS A 155 -23.13 -26.42 9.71
N LYS A 156 -22.64 -27.62 10.03
CA LYS A 156 -22.87 -28.19 11.35
C LYS A 156 -21.63 -28.06 12.22
N GLY A 157 -21.60 -27.04 13.07
CA GLY A 157 -20.44 -26.74 13.87
C GLY A 157 -19.30 -26.17 13.04
N ASN A 158 -18.43 -25.40 13.68
CA ASN A 158 -17.27 -24.83 13.00
C ASN A 158 -15.98 -25.57 13.29
N ASP A 159 -15.70 -26.65 12.56
CA ASP A 159 -14.43 -27.37 12.76
C ASP A 159 -13.23 -26.46 12.45
N GLY A 160 -13.09 -25.38 13.20
CA GLY A 160 -11.97 -24.46 13.04
C GLY A 160 -12.31 -23.01 12.75
N LEU A 161 -13.44 -22.78 12.07
CA LEU A 161 -13.77 -21.44 11.58
C LEU A 161 -14.05 -20.43 12.70
N CYS A 162 -14.16 -19.16 12.32
CA CYS A 162 -14.53 -18.10 13.26
C CYS A 162 -15.99 -18.26 13.67
N GLN A 163 -16.78 -18.86 12.78
CA GLN A 163 -18.22 -19.03 12.96
C GLN A 163 -18.69 -20.26 12.20
N LYS A 164 -19.77 -20.90 12.65
CA LYS A 164 -20.35 -22.01 11.89
C LYS A 164 -21.29 -21.47 10.81
N LEU A 165 -21.34 -22.14 9.66
CA LEU A 165 -22.13 -21.64 8.54
C LEU A 165 -23.63 -21.71 8.84
N SER A 166 -24.32 -20.59 8.63
CA SER A 166 -25.78 -20.56 8.75
C SER A 166 -26.46 -20.51 7.37
N VAL A 167 -26.73 -19.29 6.88
CA VAL A 167 -27.47 -19.07 5.65
C VAL A 167 -26.61 -18.38 4.59
N PRO A 168 -26.74 -18.78 3.31
CA PRO A 168 -26.02 -18.11 2.23
C PRO A 168 -26.30 -16.61 2.17
N CYS A 169 -25.38 -15.84 1.58
CA CYS A 169 -25.53 -14.39 1.55
C CYS A 169 -26.75 -13.95 0.75
N MET A 170 -27.32 -12.81 1.14
CA MET A 170 -28.42 -12.21 0.42
C MET A 170 -27.92 -11.68 -0.92
N SER A 171 -28.61 -12.08 -1.99
CA SER A 171 -28.32 -11.55 -3.31
C SER A 171 -29.48 -10.66 -3.77
N SER A 172 -29.29 -9.98 -4.91
CA SER A 172 -30.40 -9.30 -5.60
C SER A 172 -30.39 -9.62 -7.09
N LYS A 173 -31.46 -9.25 -7.79
CA LYS A 173 -31.46 -9.31 -9.24
C LYS A 173 -30.38 -8.39 -9.76
N PRO A 174 -29.63 -8.84 -10.78
CA PRO A 174 -28.71 -7.93 -11.46
C PRO A 174 -29.59 -6.98 -12.27
N GLN A 175 -29.03 -5.89 -12.76
CA GLN A 175 -29.85 -5.00 -13.56
C GLN A 175 -30.07 -5.63 -14.93
N LYS A 176 -31.25 -5.39 -15.51
CA LYS A 176 -31.58 -5.90 -16.83
C LYS A 176 -30.74 -5.17 -17.86
N PRO A 177 -30.20 -5.90 -18.85
CA PRO A 177 -29.40 -5.23 -19.88
C PRO A 177 -30.25 -4.35 -20.77
N TRP A 178 -29.69 -3.22 -21.20
CA TRP A 178 -30.37 -2.32 -22.11
C TRP A 178 -30.76 -3.08 -23.39
N GLU A 179 -31.83 -2.62 -24.05
CA GLU A 179 -32.29 -3.23 -25.29
C GLU A 179 -31.15 -3.48 -26.29
N LYS A 180 -31.28 -4.58 -27.04
CA LYS A 180 -30.38 -4.97 -28.11
C LYS A 180 -30.20 -3.86 -29.14
N ASP A 181 -28.93 -3.59 -29.50
CA ASP A 181 -28.56 -2.55 -30.50
C ASP A 181 -29.39 -1.27 -30.36
N ALA A 182 -29.14 -0.52 -29.29
CA ALA A 182 -29.96 0.64 -28.97
C ALA A 182 -29.12 1.67 -28.26
N TRP A 183 -27.95 1.94 -28.82
CA TRP A 183 -27.07 2.99 -28.33
C TRP A 183 -27.62 4.35 -28.72
N GLU A 184 -28.09 4.47 -29.96
CA GLU A 184 -28.75 5.67 -30.44
C GLU A 184 -30.25 5.43 -30.48
N ILE A 185 -31.01 6.28 -29.80
CA ILE A 185 -32.45 6.12 -29.74
C ILE A 185 -33.18 7.39 -30.21
N PRO A 186 -34.41 7.23 -30.75
CA PRO A 186 -35.20 8.41 -31.11
C PRO A 186 -35.67 9.08 -29.84
N ARG A 187 -35.75 10.41 -29.81
CA ARG A 187 -36.20 11.09 -28.60
C ARG A 187 -37.58 10.58 -28.12
N GLU A 188 -38.44 10.20 -29.07
CA GLU A 188 -39.80 9.70 -28.76
C GLU A 188 -39.93 8.60 -27.70
N SER A 189 -38.87 7.80 -27.53
CA SER A 189 -38.85 6.71 -26.56
C SER A 189 -38.90 7.20 -25.12
N LEU A 190 -38.55 8.46 -24.92
CA LEU A 190 -38.47 9.05 -23.59
C LEU A 190 -39.74 9.80 -23.15
N LYS A 191 -40.11 9.63 -21.88
CA LYS A 191 -41.05 10.51 -21.18
C LYS A 191 -40.25 11.06 -20.01
N LEU A 192 -39.81 12.31 -20.12
CA LEU A 192 -39.08 12.93 -19.01
C LEU A 192 -40.10 13.45 -18.01
N GLU A 193 -40.23 12.76 -16.89
CA GLU A 193 -41.32 12.99 -15.93
C GLU A 193 -41.04 14.07 -14.86
N LYS A 194 -39.79 14.21 -14.43
CA LYS A 194 -39.49 15.12 -13.31
C LYS A 194 -38.07 15.71 -13.35
N LYS A 195 -37.98 17.03 -13.24
CA LYS A 195 -36.68 17.72 -13.22
C LYS A 195 -35.99 17.50 -11.88
N LEU A 196 -34.77 16.97 -11.92
CA LEU A 196 -34.02 16.68 -10.71
C LEU A 196 -33.05 17.80 -10.40
N GLY A 197 -32.52 18.41 -11.45
CA GLY A 197 -31.54 19.45 -11.30
C GLY A 197 -31.36 20.26 -12.57
N ALA A 198 -30.90 21.48 -12.41
CA ALA A 198 -30.71 22.40 -13.53
C ALA A 198 -29.49 23.28 -13.29
N GLY A 199 -28.56 23.28 -14.24
CA GLY A 199 -27.36 24.07 -14.13
C GLY A 199 -27.09 24.92 -15.36
N GLN A 200 -25.85 25.38 -15.47
CA GLN A 200 -25.43 26.29 -16.54
C GLN A 200 -25.25 25.59 -17.88
N PHE A 201 -25.32 24.26 -17.91
CA PHE A 201 -25.06 23.53 -19.14
C PHE A 201 -26.18 22.60 -19.59
N GLY A 202 -27.23 22.47 -18.78
CA GLY A 202 -28.36 21.63 -19.11
C GLY A 202 -29.13 21.18 -17.89
N GLU A 203 -30.01 20.20 -18.06
CA GLU A 203 -30.82 19.69 -16.95
C GLU A 203 -30.66 18.19 -16.77
N VAL A 204 -31.15 17.67 -15.65
CA VAL A 204 -31.18 16.24 -15.37
C VAL A 204 -32.61 15.85 -14.98
N TRP A 205 -33.13 14.81 -15.62
CA TRP A 205 -34.52 14.39 -15.41
C TRP A 205 -34.63 12.91 -15.03
N MET A 206 -35.61 12.57 -14.20
CA MET A 206 -36.02 11.18 -14.11
C MET A 206 -36.96 10.94 -15.28
N ALA A 207 -36.70 9.90 -16.06
CA ALA A 207 -37.51 9.60 -17.24
C ALA A 207 -37.92 8.13 -17.34
N THR A 208 -38.58 7.79 -18.45
CA THR A 208 -39.03 6.43 -18.73
C THR A 208 -38.71 6.07 -20.18
N TYR A 209 -38.05 4.94 -20.40
CA TYR A 209 -37.74 4.49 -21.77
C TYR A 209 -38.69 3.39 -22.27
N ASN A 210 -39.43 3.72 -23.32
CA ASN A 210 -40.45 2.83 -23.90
C ASN A 210 -41.42 2.24 -22.88
N LYS A 211 -41.96 3.12 -22.05
CA LYS A 211 -43.02 2.80 -21.09
C LYS A 211 -42.60 1.91 -19.91
N HIS A 212 -41.58 1.07 -20.09
CA HIS A 212 -41.29 0.06 -19.06
C HIS A 212 -39.88 0.02 -18.43
N THR A 213 -39.07 1.06 -18.67
CA THR A 213 -37.73 1.11 -18.06
C THR A 213 -37.34 2.48 -17.50
N LYS A 214 -37.28 2.59 -16.17
CA LYS A 214 -36.89 3.84 -15.53
C LYS A 214 -35.43 4.20 -15.82
N VAL A 215 -35.17 5.45 -16.21
CA VAL A 215 -33.80 5.92 -16.45
C VAL A 215 -33.58 7.33 -15.95
N ALA A 216 -32.36 7.84 -16.12
CA ALA A 216 -32.07 9.24 -15.82
C ALA A 216 -31.57 9.93 -17.08
N VAL A 217 -32.09 11.11 -17.38
CA VAL A 217 -31.67 11.77 -18.61
C VAL A 217 -31.02 13.11 -18.36
N LYS A 218 -29.76 13.24 -18.80
CA LYS A 218 -29.09 14.53 -18.80
C LYS A 218 -29.31 15.22 -20.16
N THR A 219 -30.09 16.29 -20.15
CA THR A 219 -30.30 17.11 -21.35
C THR A 219 -29.23 18.20 -21.40
N MET A 220 -28.42 18.22 -22.45
CA MET A 220 -27.41 19.28 -22.59
C MET A 220 -28.00 20.53 -23.26
N LYS A 221 -27.73 21.70 -22.69
CA LYS A 221 -28.05 22.97 -23.34
C LYS A 221 -27.15 23.12 -24.56
N PRO A 222 -27.76 23.27 -25.75
CA PRO A 222 -27.06 23.23 -27.03
C PRO A 222 -25.99 24.32 -27.17
N GLY A 223 -24.81 24.09 -26.60
CA GLY A 223 -23.75 25.08 -26.59
C GLY A 223 -22.82 25.00 -27.77
N SER A 224 -21.52 25.18 -27.51
CA SER A 224 -20.49 25.05 -28.54
C SER A 224 -20.06 23.59 -28.68
N MET A 225 -20.49 22.76 -27.74
CA MET A 225 -20.28 21.32 -27.79
C MET A 225 -20.78 20.76 -29.10
N SER A 226 -19.87 20.62 -30.07
CA SER A 226 -20.18 20.11 -31.40
C SER A 226 -20.96 18.80 -31.30
N VAL A 227 -22.03 18.68 -32.09
CA VAL A 227 -22.78 17.44 -32.18
C VAL A 227 -21.81 16.28 -32.41
N GLU A 228 -21.06 16.37 -33.51
CA GLU A 228 -20.05 15.38 -33.89
C GLU A 228 -19.07 15.07 -32.76
N ALA A 229 -18.29 16.09 -32.38
CA ALA A 229 -17.24 15.94 -31.36
C ALA A 229 -17.71 15.31 -30.04
N PHE A 230 -18.98 15.51 -29.68
CA PHE A 230 -19.51 14.87 -28.48
C PHE A 230 -19.64 13.35 -28.62
N LEU A 231 -20.35 12.89 -29.64
CA LEU A 231 -20.47 11.45 -29.93
C LEU A 231 -19.13 10.74 -30.04
N ALA A 232 -18.11 11.45 -30.50
CA ALA A 232 -16.76 10.90 -30.56
C ALA A 232 -16.31 10.53 -29.15
N GLU A 233 -16.67 11.37 -28.18
CA GLU A 233 -16.30 11.18 -26.79
C GLU A 233 -17.31 10.29 -26.04
N ALA A 234 -18.57 10.36 -26.44
CA ALA A 234 -19.61 9.54 -25.82
C ALA A 234 -19.39 8.05 -26.09
N ASN A 235 -18.95 7.74 -27.32
CA ASN A 235 -18.64 6.37 -27.73
C ASN A 235 -17.41 5.79 -27.01
N VAL A 236 -16.71 6.65 -26.27
CA VAL A 236 -15.60 6.22 -25.45
C VAL A 236 -16.09 6.01 -24.03
N MET A 237 -17.08 6.81 -23.64
CA MET A 237 -17.69 6.65 -22.32
C MET A 237 -18.48 5.34 -22.24
N LYS A 238 -19.04 4.92 -23.36
CA LYS A 238 -19.77 3.66 -23.46
C LYS A 238 -18.87 2.47 -23.15
N THR A 239 -17.56 2.63 -23.39
CA THR A 239 -16.60 1.55 -23.17
C THR A 239 -15.99 1.53 -21.76
N LEU A 240 -16.27 2.57 -20.97
CA LEU A 240 -15.75 2.61 -19.60
C LEU A 240 -16.75 2.03 -18.61
N GLN A 241 -17.11 0.76 -18.82
CA GLN A 241 -18.10 0.12 -17.99
C GLN A 241 -17.47 -0.53 -16.77
N HIS A 242 -17.77 0.03 -15.59
CA HIS A 242 -17.28 -0.49 -14.31
C HIS A 242 -18.43 -0.39 -13.32
N ASP A 243 -18.36 -1.15 -12.23
CA ASP A 243 -19.45 -1.19 -11.26
C ASP A 243 -19.53 0.10 -10.43
N LYS A 244 -18.45 0.87 -10.41
CA LYS A 244 -18.45 2.13 -9.68
C LYS A 244 -18.43 3.32 -10.63
N LEU A 245 -18.59 3.06 -11.93
CA LEU A 245 -18.95 4.13 -12.86
C LEU A 245 -20.44 3.99 -13.20
N VAL A 246 -21.13 5.12 -13.31
CA VAL A 246 -22.55 5.10 -13.67
C VAL A 246 -22.69 4.45 -15.05
N LYS A 247 -23.78 3.71 -15.26
CA LYS A 247 -24.02 3.05 -16.54
C LYS A 247 -24.65 3.99 -17.57
N LEU A 248 -23.92 4.21 -18.67
CA LEU A 248 -24.45 4.96 -19.80
C LEU A 248 -25.26 4.00 -20.70
N HIS A 249 -26.57 4.20 -20.76
CA HIS A 249 -27.46 3.31 -21.54
C HIS A 249 -27.56 3.69 -23.01
N ALA A 250 -27.92 4.95 -23.28
CA ALA A 250 -28.13 5.41 -24.64
C ALA A 250 -27.88 6.89 -24.83
N VAL A 251 -28.11 7.36 -26.04
CA VAL A 251 -27.89 8.76 -26.35
C VAL A 251 -28.83 9.21 -27.49
N VAL A 252 -29.42 10.39 -27.37
CA VAL A 252 -30.18 10.98 -28.48
C VAL A 252 -29.26 11.92 -29.26
N THR A 253 -29.06 11.62 -30.54
CA THR A 253 -27.98 12.24 -31.31
C THR A 253 -28.30 13.62 -31.87
N LYS A 254 -29.57 14.02 -31.80
CA LYS A 254 -30.01 15.31 -32.35
C LYS A 254 -30.11 16.45 -31.32
N GLU A 255 -29.43 17.56 -31.60
CA GLU A 255 -29.37 18.73 -30.71
C GLU A 255 -30.77 19.30 -30.40
N PRO A 256 -31.11 19.51 -29.11
CA PRO A 256 -30.32 19.32 -27.87
C PRO A 256 -30.08 17.85 -27.49
N ILE A 257 -28.86 17.56 -27.06
CA ILE A 257 -28.47 16.17 -26.82
C ILE A 257 -28.94 15.64 -25.46
N TYR A 258 -29.49 14.42 -25.47
CA TYR A 258 -29.85 13.75 -24.23
C TYR A 258 -28.87 12.62 -23.93
N ILE A 259 -28.49 12.51 -22.66
CA ILE A 259 -27.62 11.44 -22.15
C ILE A 259 -28.42 10.53 -21.22
N ILE A 260 -28.71 9.30 -21.67
CA ILE A 260 -29.53 8.38 -20.87
C ILE A 260 -28.63 7.44 -20.09
N THR A 261 -28.79 7.46 -18.77
CA THR A 261 -28.02 6.62 -17.84
C THR A 261 -28.95 5.83 -16.92
N GLU A 262 -28.38 4.97 -16.08
CA GLU A 262 -29.15 4.27 -15.06
C GLU A 262 -29.64 5.28 -14.03
N PHE A 263 -30.85 5.06 -13.49
CA PHE A 263 -31.36 5.94 -12.44
C PHE A 263 -30.81 5.56 -11.07
N MET A 264 -30.11 6.51 -10.46
CA MET A 264 -29.52 6.30 -9.14
C MET A 264 -30.42 6.83 -8.03
N ALA A 265 -31.08 5.92 -7.33
CA ALA A 265 -32.14 6.26 -6.37
C ALA A 265 -31.85 7.40 -5.38
N LYS A 266 -30.66 7.44 -4.78
CA LYS A 266 -30.39 8.41 -3.73
C LYS A 266 -29.69 9.73 -4.13
N GLY A 267 -29.68 10.02 -5.42
CA GLY A 267 -29.18 11.31 -5.89
C GLY A 267 -27.69 11.39 -5.73
N SER A 268 -27.18 12.60 -5.47
CA SER A 268 -25.73 12.79 -5.36
C SER A 268 -25.19 12.44 -3.98
N LEU A 269 -23.89 12.28 -3.88
CA LEU A 269 -23.25 12.00 -2.60
C LEU A 269 -23.38 13.25 -1.72
N LEU A 270 -23.27 14.42 -2.34
CA LEU A 270 -23.37 15.69 -1.62
C LEU A 270 -24.73 15.86 -0.96
N ASP A 271 -25.80 15.69 -1.73
CA ASP A 271 -27.14 15.82 -1.16
C ASP A 271 -27.41 14.67 -0.19
N PHE A 272 -26.72 13.55 -0.37
CA PHE A 272 -26.93 12.40 0.49
C PHE A 272 -26.29 12.56 1.87
N LEU A 273 -25.03 12.96 1.89
CA LEU A 273 -24.29 13.27 3.12
C LEU A 273 -25.00 14.36 3.95
N LYS A 274 -25.60 15.33 3.26
CA LYS A 274 -26.30 16.43 3.91
C LYS A 274 -27.70 16.10 4.41
N SER A 275 -28.19 14.90 4.09
CA SER A 275 -29.56 14.55 4.44
C SER A 275 -29.67 13.87 5.78
N ASP A 276 -30.88 13.45 6.12
CA ASP A 276 -31.13 12.74 7.36
C ASP A 276 -30.36 11.41 7.40
N GLU A 277 -30.68 10.52 6.46
CA GLU A 277 -30.04 9.20 6.40
C GLU A 277 -28.53 9.31 6.23
N GLY A 278 -28.08 10.37 5.59
CA GLY A 278 -26.65 10.57 5.38
C GLY A 278 -25.89 10.96 6.63
N SER A 279 -26.60 11.54 7.59
CA SER A 279 -25.98 12.01 8.83
C SER A 279 -25.80 10.90 9.87
N LYS A 280 -26.49 9.77 9.70
CA LYS A 280 -26.33 8.62 10.59
C LYS A 280 -25.33 7.59 10.04
N GLN A 281 -24.48 8.00 9.10
CA GLN A 281 -23.47 7.10 8.55
C GLN A 281 -22.19 7.13 9.39
N PRO A 282 -21.86 6.00 10.05
CA PRO A 282 -20.63 6.09 10.83
C PRO A 282 -19.39 6.21 9.94
N LEU A 283 -18.29 6.64 10.55
CA LEU A 283 -17.03 6.87 9.87
C LEU A 283 -16.52 5.73 8.97
N PRO A 284 -16.60 4.47 9.44
CA PRO A 284 -16.15 3.37 8.56
C PRO A 284 -17.00 3.20 7.28
N LYS A 285 -18.23 3.71 7.29
CA LYS A 285 -19.07 3.74 6.09
C LYS A 285 -18.64 4.87 5.15
N LEU A 286 -18.30 6.01 5.74
CA LEU A 286 -17.81 7.18 5.01
C LEU A 286 -16.53 6.83 4.27
N ILE A 287 -15.68 6.06 4.93
CA ILE A 287 -14.47 5.53 4.35
C ILE A 287 -14.78 4.47 3.30
N ASP A 288 -15.77 3.62 3.57
CA ASP A 288 -16.19 2.62 2.58
C ASP A 288 -16.66 3.31 1.30
N PHE A 289 -17.29 4.47 1.45
CA PHE A 289 -17.74 5.27 0.32
C PHE A 289 -16.55 5.72 -0.50
N SER A 290 -15.52 6.18 0.23
CA SER A 290 -14.32 6.69 -0.39
C SER A 290 -13.60 5.58 -1.11
N ALA A 291 -13.59 4.41 -0.49
CA ALA A 291 -12.95 3.24 -1.08
C ALA A 291 -13.55 2.90 -2.44
N GLN A 292 -14.89 2.88 -2.49
CA GLN A 292 -15.60 2.64 -3.74
C GLN A 292 -15.21 3.62 -4.83
N ILE A 293 -15.20 4.91 -4.50
CA ILE A 293 -14.78 5.95 -5.45
C ILE A 293 -13.32 5.80 -5.90
N ALA A 294 -12.43 5.47 -4.97
CA ALA A 294 -11.04 5.25 -5.32
C ALA A 294 -10.88 4.03 -6.22
N GLU A 295 -11.80 3.08 -6.11
CA GLU A 295 -11.83 1.92 -7.02
C GLU A 295 -12.29 2.40 -8.40
N GLY A 296 -13.27 3.31 -8.42
CA GLY A 296 -13.73 3.90 -9.67
C GLY A 296 -12.63 4.66 -10.39
N MET A 297 -11.88 5.44 -9.63
CA MET A 297 -10.79 6.22 -10.21
C MET A 297 -9.60 5.36 -10.61
N ALA A 298 -9.31 4.32 -9.84
CA ALA A 298 -8.21 3.41 -10.17
C ALA A 298 -8.43 2.75 -11.54
N PHE A 299 -9.68 2.41 -11.82
CA PHE A 299 -10.13 1.93 -13.13
C PHE A 299 -9.90 2.98 -14.22
N ILE A 300 -10.40 4.19 -13.99
CA ILE A 300 -10.20 5.28 -14.94
C ILE A 300 -8.72 5.52 -15.18
N GLU A 301 -7.94 5.50 -14.09
CA GLU A 301 -6.48 5.61 -14.12
C GLU A 301 -5.84 4.48 -14.90
N GLN A 302 -6.28 3.25 -14.61
CA GLN A 302 -5.82 2.06 -15.34
C GLN A 302 -6.02 2.26 -16.82
N ARG A 303 -7.23 2.69 -17.18
CA ARG A 303 -7.64 2.88 -18.58
C ARG A 303 -7.06 4.11 -19.25
N ASN A 304 -6.08 4.74 -18.61
CA ASN A 304 -5.55 6.04 -19.05
C ASN A 304 -6.66 7.00 -19.44
N TYR A 305 -7.31 7.60 -18.45
CA TYR A 305 -8.40 8.51 -18.74
C TYR A 305 -8.46 9.59 -17.67
N ILE A 306 -9.26 10.63 -17.91
CA ILE A 306 -9.32 11.77 -17.01
C ILE A 306 -10.76 12.12 -16.66
N HIS A 307 -11.04 12.35 -15.39
CA HIS A 307 -12.37 12.79 -14.96
C HIS A 307 -12.59 14.30 -15.17
N ARG A 308 -11.68 15.10 -14.58
CA ARG A 308 -11.66 16.57 -14.67
C ARG A 308 -12.56 17.30 -13.67
N ASP A 309 -13.70 16.71 -13.33
CA ASP A 309 -14.61 17.34 -12.37
C ASP A 309 -15.01 16.42 -11.20
N LEU A 310 -14.00 15.84 -10.56
CA LEU A 310 -14.20 14.97 -9.40
C LEU A 310 -14.60 15.78 -8.17
N ARG A 311 -15.80 15.51 -7.65
CA ARG A 311 -16.30 16.10 -6.40
C ARG A 311 -17.61 15.43 -6.02
N ALA A 312 -18.11 15.67 -4.82
CA ALA A 312 -19.29 14.95 -4.31
C ALA A 312 -20.54 15.16 -5.14
N ALA A 313 -20.62 16.29 -5.84
CA ALA A 313 -21.79 16.59 -6.66
C ALA A 313 -21.84 15.75 -7.93
N ASN A 314 -20.69 15.20 -8.31
CA ASN A 314 -20.62 14.31 -9.47
C ASN A 314 -20.38 12.84 -9.10
N ILE A 315 -20.72 12.47 -7.87
CA ILE A 315 -20.74 11.07 -7.42
C ILE A 315 -22.18 10.71 -7.10
N LEU A 316 -22.70 9.62 -7.66
CA LEU A 316 -24.09 9.23 -7.38
C LEU A 316 -24.19 8.11 -6.35
N VAL A 317 -25.30 8.09 -5.60
CA VAL A 317 -25.56 7.05 -4.62
C VAL A 317 -26.78 6.22 -5.08
N SER A 318 -26.70 4.90 -4.93
CA SER A 318 -27.82 4.03 -5.25
C SER A 318 -28.63 3.70 -4.00
N ALA A 319 -29.77 3.04 -4.17
CA ALA A 319 -30.64 2.70 -3.04
C ALA A 319 -29.95 1.80 -2.02
N SER A 320 -29.00 1.00 -2.49
CA SER A 320 -28.28 0.07 -1.63
C SER A 320 -26.93 0.65 -1.20
N LEU A 321 -26.79 1.96 -1.39
CA LEU A 321 -25.60 2.72 -0.96
C LEU A 321 -24.29 2.46 -1.72
N VAL A 322 -24.36 1.92 -2.94
CA VAL A 322 -23.17 1.77 -3.76
C VAL A 322 -22.85 3.11 -4.42
N CYS A 323 -21.59 3.51 -4.37
CA CYS A 323 -21.19 4.77 -4.98
C CYS A 323 -20.83 4.62 -6.44
N LYS A 324 -21.30 5.54 -7.28
CA LYS A 324 -20.97 5.53 -8.70
C LYS A 324 -20.50 6.90 -9.18
N ILE A 325 -19.54 6.90 -10.12
CA ILE A 325 -18.97 8.13 -10.64
C ILE A 325 -19.70 8.60 -11.92
N ALA A 326 -20.12 9.86 -11.94
CA ALA A 326 -20.84 10.45 -13.07
C ALA A 326 -20.03 11.55 -13.77
N ASP A 327 -20.45 11.89 -14.99
CA ASP A 327 -19.75 12.83 -15.88
C ASP A 327 -18.25 12.65 -16.00
N PHE A 328 -17.77 11.43 -16.20
CA PHE A 328 -16.36 11.27 -16.47
C PHE A 328 -16.07 11.83 -17.86
N GLY A 329 -15.11 12.76 -17.95
CA GLY A 329 -14.70 13.29 -19.23
C GLY A 329 -15.43 14.50 -19.73
N LEU A 330 -16.74 14.58 -19.46
CA LEU A 330 -17.61 15.69 -19.88
C LEU A 330 -16.95 17.08 -19.94
N ALA A 331 -16.09 17.37 -18.97
CA ALA A 331 -15.40 18.66 -18.90
C ALA A 331 -14.45 18.94 -20.07
N ARG A 332 -14.01 17.88 -20.74
CA ARG A 332 -13.21 18.01 -21.96
C ARG A 332 -14.08 18.50 -23.12
N VAL A 333 -15.37 18.15 -23.07
CA VAL A 333 -16.33 18.52 -24.11
C VAL A 333 -17.03 19.87 -23.85
N ILE A 334 -17.28 20.18 -22.58
CA ILE A 334 -18.01 21.41 -22.22
C ILE A 334 -17.13 22.65 -22.30
N PRO A 348 -15.28 27.03 -9.99
CA PRO A 348 -15.30 25.66 -9.45
C PRO A 348 -13.89 25.17 -9.08
N ILE A 349 -13.08 26.06 -8.52
CA ILE A 349 -11.65 25.82 -8.33
C ILE A 349 -11.26 25.21 -6.98
N LYS A 350 -12.20 25.17 -6.04
CA LYS A 350 -11.90 24.64 -4.71
C LYS A 350 -11.56 23.16 -4.72
N TRP A 351 -11.90 22.51 -5.83
CA TRP A 351 -11.58 21.10 -6.07
C TRP A 351 -10.41 20.93 -7.04
N THR A 352 -9.96 22.02 -7.62
CA THR A 352 -9.00 21.96 -8.71
C THR A 352 -7.56 22.17 -8.25
N ALA A 353 -6.66 21.33 -8.74
CA ALA A 353 -5.23 21.37 -8.40
C ALA A 353 -4.57 22.64 -8.95
N PRO A 354 -3.50 23.11 -8.29
CA PRO A 354 -2.79 24.34 -8.71
C PRO A 354 -2.34 24.37 -10.18
N GLU A 355 -1.70 23.30 -10.65
CA GLU A 355 -1.26 23.22 -12.04
C GLU A 355 -2.44 23.27 -13.00
N ALA A 356 -3.58 22.74 -12.58
CA ALA A 356 -4.76 22.81 -13.42
C ALA A 356 -5.33 24.23 -13.47
N ILE A 357 -5.46 24.86 -12.30
CA ILE A 357 -5.84 26.27 -12.21
C ILE A 357 -4.88 27.18 -12.98
N ASN A 358 -3.57 26.99 -12.74
CA ASN A 358 -2.52 27.87 -13.27
C ASN A 358 -2.16 27.74 -14.75
N PHE A 359 -1.99 26.51 -15.23
CA PHE A 359 -1.58 26.32 -16.63
C PHE A 359 -2.51 25.42 -17.43
N GLY A 360 -3.70 25.17 -16.89
CA GLY A 360 -4.66 24.29 -17.52
C GLY A 360 -4.10 22.90 -17.79
N SER A 361 -3.36 22.35 -16.82
CA SER A 361 -2.78 21.02 -17.00
C SER A 361 -3.52 19.94 -16.21
N PHE A 362 -4.52 19.37 -16.85
CA PHE A 362 -5.34 18.34 -16.23
C PHE A 362 -4.79 16.93 -16.50
N THR A 363 -4.39 16.25 -15.42
CA THR A 363 -3.92 14.87 -15.48
C THR A 363 -4.69 14.04 -14.47
N ILE A 364 -4.43 12.74 -14.44
CA ILE A 364 -5.01 11.87 -13.42
C ILE A 364 -4.49 12.29 -12.04
N LYS A 365 -3.34 12.97 -12.04
CA LYS A 365 -2.75 13.44 -10.79
C LYS A 365 -3.49 14.66 -10.26
N SER A 366 -4.05 15.47 -11.16
CA SER A 366 -4.89 16.59 -10.74
C SER A 366 -6.22 16.07 -10.18
N ASP A 367 -6.58 14.85 -10.56
CA ASP A 367 -7.78 14.23 -10.01
C ASP A 367 -7.54 13.77 -8.57
N VAL A 368 -6.38 13.18 -8.32
CA VAL A 368 -5.98 12.76 -6.99
C VAL A 368 -6.13 13.93 -6.01
N TRP A 369 -5.74 15.12 -6.46
CA TRP A 369 -5.94 16.34 -5.69
C TRP A 369 -7.41 16.54 -5.46
N SER A 370 -8.17 16.52 -6.54
CA SER A 370 -9.62 16.62 -6.43
C SER A 370 -10.16 15.53 -5.51
N PHE A 371 -9.51 14.37 -5.48
CA PHE A 371 -9.98 13.28 -4.63
C PHE A 371 -9.75 13.57 -3.16
N GLY A 372 -8.66 14.28 -2.86
CA GLY A 372 -8.39 14.75 -1.52
C GLY A 372 -9.47 15.66 -0.95
N ILE A 373 -10.01 16.54 -1.79
CA ILE A 373 -11.02 17.48 -1.32
C ILE A 373 -12.36 16.76 -1.14
N LEU A 374 -12.64 15.86 -2.06
CA LEU A 374 -13.83 15.01 -2.00
C LEU A 374 -13.81 14.16 -0.73
N LEU A 375 -12.62 13.63 -0.41
CA LEU A 375 -12.37 12.91 0.83
C LEU A 375 -12.83 13.77 2.02
N MET A 376 -12.41 15.02 2.05
CA MET A 376 -12.81 15.96 3.09
C MET A 376 -14.31 16.24 3.08
N GLU A 377 -14.87 16.45 1.89
CA GLU A 377 -16.32 16.60 1.73
C GLU A 377 -17.06 15.42 2.38
N ILE A 378 -16.57 14.20 2.14
CA ILE A 378 -17.18 13.01 2.70
C ILE A 378 -17.12 13.06 4.22
N VAL A 379 -15.94 13.40 4.74
CA VAL A 379 -15.68 13.35 6.17
C VAL A 379 -16.33 14.52 6.92
N THR A 380 -16.72 15.56 6.19
CA THR A 380 -17.43 16.70 6.77
C THR A 380 -18.93 16.68 6.48
N TYR A 381 -19.44 15.50 6.13
CA TYR A 381 -20.83 15.33 5.68
C TYR A 381 -21.28 16.38 4.67
N GLY A 382 -20.44 16.61 3.67
CA GLY A 382 -20.78 17.41 2.51
C GLY A 382 -20.53 18.89 2.65
N ARG A 383 -19.95 19.31 3.76
CA ARG A 383 -19.63 20.73 3.99
C ARG A 383 -18.79 21.31 2.84
N ILE A 384 -19.04 22.57 2.49
CA ILE A 384 -18.29 23.24 1.44
C ILE A 384 -16.81 23.33 1.87
N PRO A 385 -15.88 23.07 0.93
CA PRO A 385 -14.44 23.17 1.20
C PRO A 385 -14.00 24.63 1.46
N TYR A 386 -12.93 24.82 2.24
CA TYR A 386 -12.45 26.15 2.63
C TYR A 386 -13.55 27.11 3.12
N PRO A 387 -14.22 26.78 4.24
CA PRO A 387 -15.39 27.54 4.70
C PRO A 387 -15.08 29.00 5.05
N GLY A 388 -15.72 29.94 4.36
CA GLY A 388 -15.51 31.35 4.61
C GLY A 388 -14.51 31.97 3.64
N MET A 389 -13.80 31.11 2.92
CA MET A 389 -12.80 31.56 1.94
C MET A 389 -13.43 31.76 0.56
N SER A 390 -12.94 32.79 -0.13
CA SER A 390 -13.33 33.09 -1.51
C SER A 390 -12.48 32.25 -2.44
N ASN A 391 -12.84 32.20 -3.72
CA ASN A 391 -12.00 31.51 -4.71
C ASN A 391 -10.61 32.17 -4.89
N PRO A 392 -10.55 33.52 -4.98
CA PRO A 392 -9.22 34.15 -4.94
C PRO A 392 -8.45 33.90 -3.64
N GLU A 393 -9.11 34.06 -2.49
CA GLU A 393 -8.48 33.83 -1.19
C GLU A 393 -7.86 32.43 -1.11
N VAL A 394 -8.58 31.43 -1.63
CA VAL A 394 -8.08 30.06 -1.67
C VAL A 394 -6.79 29.95 -2.48
N ILE A 395 -6.80 30.52 -3.68
CA ILE A 395 -5.65 30.49 -4.59
C ILE A 395 -4.35 31.03 -3.97
N ARG A 396 -4.45 32.17 -3.28
CA ARG A 396 -3.29 32.76 -2.61
C ARG A 396 -2.94 32.00 -1.33
N ALA A 397 -3.93 31.37 -0.71
CA ALA A 397 -3.68 30.52 0.45
C ALA A 397 -2.84 29.29 0.07
N LEU A 398 -3.20 28.66 -1.05
CA LEU A 398 -2.43 27.53 -1.60
C LEU A 398 -0.97 27.89 -1.92
N GLU A 399 -0.77 28.99 -2.62
CA GLU A 399 0.56 29.42 -3.08
C GLU A 399 1.51 29.68 -1.91
N ARG A 400 0.95 29.85 -0.71
CA ARG A 400 1.73 30.02 0.52
C ARG A 400 1.81 28.72 1.32
N GLY A 401 1.20 27.65 0.80
CA GLY A 401 1.25 26.36 1.44
C GLY A 401 0.18 26.08 2.49
N TYR A 402 -0.88 26.89 2.51
CA TYR A 402 -2.01 26.60 3.39
C TYR A 402 -2.71 25.32 2.93
N ARG A 403 -3.19 24.54 3.89
CA ARG A 403 -4.05 23.41 3.61
C ARG A 403 -5.16 23.41 4.64
N MET A 404 -6.25 22.71 4.33
CA MET A 404 -7.34 22.53 5.29
C MET A 404 -6.89 21.74 6.52
N PRO A 405 -7.35 22.16 7.71
CA PRO A 405 -7.02 21.42 8.93
C PRO A 405 -7.83 20.13 9.06
N ARG A 406 -7.38 19.22 9.92
CA ARG A 406 -8.12 18.01 10.25
C ARG A 406 -9.34 18.35 11.13
N PRO A 407 -10.54 17.96 10.69
CA PRO A 407 -11.74 18.14 11.53
C PRO A 407 -11.77 17.18 12.73
N GLU A 408 -12.77 17.34 13.60
CA GLU A 408 -12.87 16.58 14.85
C GLU A 408 -12.99 15.08 14.57
N ASN A 409 -13.86 14.74 13.63
CA ASN A 409 -14.21 13.34 13.37
C ASN A 409 -13.24 12.59 12.46
N CYS A 410 -12.24 13.27 11.92
CA CYS A 410 -11.30 12.65 10.98
C CYS A 410 -10.18 11.90 11.71
N PRO A 411 -9.98 10.61 11.41
CA PRO A 411 -8.78 9.93 11.95
C PRO A 411 -7.52 10.52 11.34
N GLU A 412 -6.43 10.53 12.11
CA GLU A 412 -5.18 11.16 11.65
C GLU A 412 -4.64 10.53 10.36
N GLU A 413 -4.73 9.20 10.26
CA GLU A 413 -4.20 8.46 9.11
C GLU A 413 -4.96 8.75 7.81
N LEU A 414 -6.24 9.13 7.93
CA LEU A 414 -7.05 9.58 6.79
C LEU A 414 -6.66 10.99 6.35
N TYR A 415 -6.21 11.80 7.29
CA TYR A 415 -5.71 13.13 6.96
C TYR A 415 -4.44 13.00 6.13
N ASN A 416 -3.60 12.01 6.41
CA ASN A 416 -2.37 11.82 5.64
C ASN A 416 -2.65 11.61 4.15
N ILE A 417 -3.61 10.74 3.85
CA ILE A 417 -4.08 10.53 2.47
C ILE A 417 -4.48 11.85 1.81
N MET A 418 -5.25 12.68 2.51
CA MET A 418 -5.63 13.99 1.98
C MET A 418 -4.41 14.85 1.70
N MET A 419 -3.51 14.92 2.68
CA MET A 419 -2.28 15.70 2.60
C MET A 419 -1.31 15.19 1.53
N ARG A 420 -1.25 13.88 1.36
CA ARG A 420 -0.54 13.25 0.24
C ARG A 420 -1.21 13.52 -1.12
N CYS A 421 -2.53 13.59 -1.13
CA CYS A 421 -3.26 13.94 -2.34
C CYS A 421 -2.98 15.37 -2.75
N TRP A 422 -2.70 16.21 -1.75
CA TRP A 422 -2.48 17.63 -1.94
C TRP A 422 -1.00 18.08 -1.92
N LYS A 423 -0.12 17.39 -2.64
CA LYS A 423 1.27 17.83 -2.73
C LYS A 423 1.49 18.76 -3.93
N ASN A 424 2.31 19.79 -3.75
CA ASN A 424 2.57 20.77 -4.81
C ASN A 424 2.99 20.09 -6.12
N ARG A 425 3.90 19.12 -6.04
CA ARG A 425 4.34 18.39 -7.22
C ARG A 425 3.40 17.22 -7.54
N PRO A 426 2.82 17.22 -8.75
CA PRO A 426 1.91 16.17 -9.22
C PRO A 426 2.46 14.75 -9.05
N GLU A 427 3.71 14.54 -9.46
CA GLU A 427 4.36 13.24 -9.37
C GLU A 427 4.49 12.70 -7.95
N GLU A 428 4.49 13.60 -6.96
CA GLU A 428 4.61 13.23 -5.55
C GLU A 428 3.31 12.68 -4.98
N ARG A 429 2.22 12.88 -5.73
CA ARG A 429 0.89 12.42 -5.34
C ARG A 429 0.73 10.94 -5.65
N PRO A 430 0.11 10.19 -4.72
CA PRO A 430 -0.05 8.74 -4.85
C PRO A 430 -0.95 8.37 -6.01
N THR A 431 -1.03 7.08 -6.31
CA THR A 431 -1.87 6.59 -7.39
C THR A 431 -3.26 6.19 -6.87
N PHE A 432 -4.27 6.12 -7.73
CA PHE A 432 -5.58 5.69 -7.25
C PHE A 432 -5.53 4.20 -6.88
N GLU A 433 -4.67 3.45 -7.57
CA GLU A 433 -4.37 2.06 -7.22
C GLU A 433 -3.95 1.93 -5.76
N TYR A 434 -2.89 2.64 -5.37
CA TYR A 434 -2.42 2.61 -3.97
C TYR A 434 -3.48 3.16 -3.00
N ILE A 435 -4.15 4.24 -3.38
CA ILE A 435 -5.18 4.81 -2.54
C ILE A 435 -6.34 3.84 -2.30
N GLN A 436 -6.83 3.23 -3.38
CA GLN A 436 -7.87 2.21 -3.27
C GLN A 436 -7.45 1.13 -2.29
N SER A 437 -6.22 0.64 -2.44
CA SER A 437 -5.72 -0.46 -1.63
C SER A 437 -5.59 -0.10 -0.16
N VAL A 438 -5.30 1.17 0.12
CA VAL A 438 -5.20 1.65 1.50
C VAL A 438 -6.58 1.79 2.11
N LEU A 439 -7.47 2.46 1.38
CA LEU A 439 -8.86 2.65 1.81
C LEU A 439 -9.64 1.34 1.96
N ASP A 440 -9.35 0.36 1.11
CA ASP A 440 -10.05 -0.92 1.13
C ASP A 440 -9.79 -1.70 2.41
N ASP A 441 -8.56 -1.66 2.88
CA ASP A 441 -8.20 -2.41 4.05
C ASP A 441 -7.88 -1.50 5.23
N PHE A 442 -8.46 -0.30 5.21
CA PHE A 442 -8.21 0.73 6.23
C PHE A 442 -8.29 0.23 7.67
N TYR A 443 -9.25 -0.64 7.95
CA TYR A 443 -9.43 -1.20 9.30
C TYR A 443 -8.83 -2.59 9.49
N THR A 444 -8.15 -3.09 8.45
CA THR A 444 -7.57 -4.43 8.48
C THR A 444 -6.06 -4.36 8.23
N ALA A 445 -5.29 -5.06 9.07
CA ALA A 445 -3.86 -5.25 8.82
C ALA A 445 -3.67 -6.32 7.75
N THR A 446 -2.78 -6.05 6.80
CA THR A 446 -2.42 -6.95 5.71
C THR A 446 -2.37 -8.42 6.13
N GLU A 447 -1.80 -8.67 7.29
CA GLU A 447 -1.66 -10.03 7.81
C GLU A 447 -3.00 -10.64 8.21
N SER A 448 -4.03 -9.83 8.41
CA SER A 448 -5.34 -10.34 8.85
C SER A 448 -6.35 -10.49 7.71
N GLN A 449 -5.90 -10.30 6.47
CA GLN A 449 -6.79 -10.34 5.31
C GLN A 449 -7.45 -11.72 5.15
N PTR A 450 -6.62 -12.76 5.27
CA PTR A 450 -7.08 -14.15 5.21
C PTR A 450 -6.74 -14.92 6.47
O PTR A 450 -5.58 -14.95 6.88
CB PTR A 450 -6.56 -14.88 3.94
CG PTR A 450 -7.38 -14.56 2.71
CD1 PTR A 450 -8.47 -15.34 2.34
CD2 PTR A 450 -7.08 -13.45 1.93
CE1 PTR A 450 -9.22 -15.04 1.23
CE2 PTR A 450 -7.83 -13.14 0.81
CZ PTR A 450 -8.90 -13.94 0.46
OH PTR A 450 -9.62 -13.63 -0.59
P PTR A 450 -9.09 -13.77 -2.09
O1P PTR A 450 -10.26 -13.48 -3.05
O2P PTR A 450 -8.00 -12.77 -2.31
O3P PTR A 450 -8.59 -15.21 -2.31
N GLU A 451 -7.73 -15.53 7.11
CA GLU A 451 -7.47 -16.35 8.29
C GLU A 451 -6.77 -17.66 7.91
N GLU A 452 -5.69 -17.98 8.61
CA GLU A 452 -4.96 -19.23 8.37
C GLU A 452 -5.37 -20.28 9.40
N ILE A 453 -5.68 -21.49 8.94
CA ILE A 453 -6.15 -22.55 9.86
C ILE A 453 -5.52 -23.93 9.67
N PRO A 454 -4.94 -24.47 10.76
CA PRO A 454 -4.26 -25.77 10.82
C PRO A 454 -5.23 -26.95 10.90
N ARG B 8 29.99 33.05 17.92
CA ARG B 8 30.32 32.19 19.07
C ARG B 8 29.30 31.05 19.19
N ILE B 9 29.57 29.93 18.51
CA ILE B 9 28.69 28.76 18.55
C ILE B 9 29.15 27.73 19.60
N ILE B 10 28.29 27.44 20.57
CA ILE B 10 28.60 26.46 21.61
C ILE B 10 27.86 25.15 21.37
N VAL B 11 28.59 24.04 21.38
CA VAL B 11 27.99 22.71 21.28
C VAL B 11 28.21 21.90 22.56
N VAL B 12 27.74 20.66 22.57
CA VAL B 12 27.86 19.80 23.74
C VAL B 12 27.86 18.31 23.37
N ALA B 13 28.80 17.57 23.93
CA ALA B 13 28.93 16.15 23.62
C ALA B 13 27.74 15.32 24.11
N LEU B 14 27.19 14.53 23.20
CA LEU B 14 26.04 13.68 23.50
C LEU B 14 26.45 12.29 24.03
N TYR B 15 27.65 11.87 23.66
CA TYR B 15 28.21 10.58 24.11
C TYR B 15 29.72 10.73 24.37
N ASP B 16 30.31 9.75 25.04
CA ASP B 16 31.75 9.73 25.26
C ASP B 16 32.51 9.41 23.98
N TYR B 17 33.61 10.13 23.72
CA TYR B 17 34.49 9.81 22.60
C TYR B 17 35.93 9.68 23.04
N GLU B 18 36.57 8.61 22.59
CA GLU B 18 38.00 8.42 22.83
C GLU B 18 38.77 8.71 21.55
N ALA B 19 39.80 9.55 21.65
CA ALA B 19 40.55 9.96 20.47
C ALA B 19 41.41 8.80 19.95
N ILE B 20 41.47 8.66 18.62
CA ILE B 20 42.24 7.59 18.00
C ILE B 20 43.21 8.07 16.90
N HIS B 21 42.97 9.27 16.38
CA HIS B 21 43.80 9.83 15.31
C HIS B 21 44.87 10.77 15.85
N HIS B 22 45.56 11.47 14.96
CA HIS B 22 46.62 12.41 15.37
C HIS B 22 46.04 13.65 16.05
N GLU B 23 45.06 14.26 15.41
CA GLU B 23 44.59 15.60 15.76
C GLU B 23 43.12 15.72 16.19
N ASP B 24 42.55 14.63 16.70
CA ASP B 24 41.15 14.68 17.17
C ASP B 24 41.07 14.73 18.69
N LEU B 25 39.94 15.19 19.22
CA LEU B 25 39.79 15.42 20.66
C LEU B 25 39.09 14.31 21.41
N SER B 26 39.49 14.07 22.65
CA SER B 26 38.73 13.20 23.54
C SER B 26 37.75 14.10 24.27
N PHE B 27 36.63 13.53 24.69
CA PHE B 27 35.62 14.25 25.49
C PHE B 27 34.61 13.33 26.15
N GLN B 28 34.14 13.69 27.34
CA GLN B 28 33.11 12.92 28.02
C GLN B 28 31.71 13.44 27.70
N LYS B 29 30.70 12.73 28.18
CA LYS B 29 29.31 13.16 28.00
C LYS B 29 29.07 14.41 28.85
N GLY B 30 28.72 15.52 28.19
CA GLY B 30 28.48 16.77 28.91
C GLY B 30 29.44 17.88 28.57
N ASP B 31 30.53 17.56 27.88
CA ASP B 31 31.57 18.55 27.54
C ASP B 31 31.06 19.59 26.54
N GLN B 32 31.07 20.85 26.95
CA GLN B 32 30.76 21.95 26.03
C GLN B 32 31.98 22.25 25.17
N MET B 33 31.74 22.66 23.93
CA MET B 33 32.82 22.91 22.98
C MET B 33 32.52 24.10 22.09
N VAL B 34 33.55 24.69 21.50
CA VAL B 34 33.39 25.84 20.64
C VAL B 34 33.68 25.43 19.19
N VAL B 35 32.68 25.55 18.33
CA VAL B 35 32.88 25.28 16.91
C VAL B 35 33.84 26.32 16.34
N LEU B 36 34.78 25.88 15.51
CA LEU B 36 35.72 26.79 14.87
C LEU B 36 35.60 26.64 13.35
N GLU B 37 35.20 25.43 12.94
CA GLU B 37 35.10 25.06 11.53
C GLU B 37 33.99 24.02 11.33
N GLU B 38 33.40 24.00 10.14
CA GLU B 38 32.35 23.04 9.80
C GLU B 38 32.67 22.32 8.48
N SER B 39 33.40 21.21 8.58
CA SER B 39 33.82 20.47 7.38
C SER B 39 33.10 19.13 7.23
N GLY B 40 31.84 19.08 7.66
CA GLY B 40 31.04 17.87 7.51
C GLY B 40 31.00 16.95 8.72
N GLU B 41 31.65 15.78 8.59
CA GLU B 41 31.63 14.76 9.63
C GLU B 41 32.60 15.08 10.77
N TRP B 42 33.75 15.65 10.42
CA TRP B 42 34.66 16.16 11.43
C TRP B 42 34.55 17.68 11.47
N TRP B 43 34.29 18.22 12.66
CA TRP B 43 34.33 19.66 12.88
C TRP B 43 35.57 20.03 13.70
N LYS B 44 36.19 21.16 13.39
CA LYS B 44 37.25 21.69 14.23
C LYS B 44 36.60 22.37 15.42
N ALA B 45 37.09 22.10 16.63
CA ALA B 45 36.49 22.65 17.84
C ALA B 45 37.51 22.89 18.96
N ARG B 46 37.08 23.57 20.02
CA ARG B 46 37.93 23.79 21.21
C ARG B 46 37.20 23.44 22.49
N SER B 47 37.61 22.36 23.15
CA SER B 47 36.94 21.86 24.34
C SER B 47 37.00 22.83 25.52
N LEU B 48 35.85 23.28 26.01
CA LEU B 48 35.80 24.21 27.14
C LEU B 48 36.45 23.63 28.39
N ALA B 49 36.45 22.30 28.49
CA ALA B 49 36.93 21.60 29.69
C ALA B 49 38.42 21.24 29.65
N THR B 50 38.96 21.10 28.44
CA THR B 50 40.37 20.77 28.24
C THR B 50 41.16 21.91 27.58
N ARG B 51 40.43 22.74 26.85
CA ARG B 51 41.00 23.89 26.13
C ARG B 51 41.83 23.51 24.89
N LYS B 52 41.68 22.26 24.47
CA LYS B 52 42.39 21.71 23.31
C LYS B 52 41.65 21.93 22.00
N GLU B 53 42.31 22.55 21.02
CA GLU B 53 41.73 22.68 19.69
C GLU B 53 42.02 21.41 18.87
N GLY B 54 40.98 20.84 18.27
CA GLY B 54 41.14 19.67 17.42
C GLY B 54 39.90 19.30 16.62
N TYR B 55 39.87 18.07 16.08
CA TYR B 55 38.72 17.59 15.31
C TYR B 55 37.81 16.71 16.17
N ILE B 56 36.51 16.89 16.01
CA ILE B 56 35.50 16.09 16.72
C ILE B 56 34.46 15.56 15.73
N PRO B 57 33.87 14.39 16.04
CA PRO B 57 32.85 13.90 15.09
C PRO B 57 31.58 14.72 15.24
N SER B 58 31.07 15.28 14.15
CA SER B 58 29.97 16.26 14.20
C SER B 58 28.62 15.70 14.63
N ASN B 59 28.47 14.38 14.52
CA ASN B 59 27.23 13.74 14.96
C ASN B 59 27.28 13.32 16.44
N TYR B 60 28.41 13.57 17.09
CA TYR B 60 28.53 13.32 18.53
C TYR B 60 28.14 14.55 19.35
N VAL B 61 27.85 15.65 18.66
CA VAL B 61 27.52 16.90 19.33
C VAL B 61 26.28 17.59 18.74
N ALA B 62 25.62 18.39 19.57
CA ALA B 62 24.49 19.22 19.15
C ALA B 62 24.56 20.52 19.93
N ARG B 63 23.90 21.56 19.42
CA ARG B 63 23.86 22.86 20.09
C ARG B 63 23.25 22.78 21.51
N VAL B 64 23.62 23.71 22.40
CA VAL B 64 23.18 23.66 23.79
C VAL B 64 21.70 24.02 23.92
N ASP B 65 21.03 23.47 24.94
CA ASP B 65 19.60 23.71 25.20
C ASP B 65 18.65 23.25 24.07
N SER B 66 19.25 22.93 22.92
CA SER B 66 18.54 22.34 21.79
C SER B 66 17.97 20.98 22.17
N LEU B 67 17.08 20.45 21.34
CA LEU B 67 16.29 19.26 21.71
C LEU B 67 17.06 17.94 21.69
N GLU B 68 18.14 17.88 20.92
CA GLU B 68 18.92 16.64 20.80
C GLU B 68 19.69 16.33 22.08
N THR B 69 19.88 17.36 22.91
CA THR B 69 20.55 17.22 24.19
C THR B 69 19.66 16.43 25.17
N GLU B 70 18.41 16.24 24.80
CA GLU B 70 17.48 15.52 25.65
C GLU B 70 17.63 14.02 25.46
N GLU B 71 17.49 13.29 26.56
CA GLU B 71 17.66 11.83 26.59
C GLU B 71 16.51 11.08 25.95
N TRP B 72 15.41 11.78 25.70
CA TRP B 72 14.18 11.19 25.13
C TRP B 72 13.83 11.70 23.73
N PHE B 73 14.61 12.65 23.22
CA PHE B 73 14.39 13.16 21.86
C PHE B 73 15.29 12.46 20.87
N PHE B 74 14.76 12.18 19.68
CA PHE B 74 15.50 11.44 18.66
C PHE B 74 15.33 12.06 17.29
N LYS B 75 16.41 12.65 16.75
CA LYS B 75 16.33 13.36 15.48
C LYS B 75 16.25 12.41 14.30
N GLY B 76 15.53 12.83 13.26
CA GLY B 76 15.50 12.12 11.97
C GLY B 76 15.18 10.64 12.06
N ILE B 77 14.35 10.28 13.01
CA ILE B 77 13.95 8.89 13.15
C ILE B 77 12.54 8.70 12.59
N SER B 78 12.30 7.54 11.96
CA SER B 78 10.98 7.25 11.40
C SER B 78 10.13 6.49 12.42
N ARG B 79 8.83 6.46 12.18
CA ARG B 79 7.88 5.77 13.05
C ARG B 79 8.26 4.31 13.16
N LYS B 80 8.77 3.74 12.08
CA LYS B 80 9.15 2.33 12.04
C LYS B 80 10.47 2.06 12.76
N ASP B 81 11.46 2.96 12.63
CA ASP B 81 12.74 2.82 13.35
C ASP B 81 12.51 2.96 14.85
N ALA B 82 11.63 3.90 15.23
CA ALA B 82 11.29 4.12 16.63
C ALA B 82 10.58 2.90 17.22
N GLU B 83 9.78 2.23 16.40
CA GLU B 83 9.19 0.95 16.78
C GLU B 83 10.28 -0.13 17.02
N ARG B 84 11.39 -0.05 16.29
CA ARG B 84 12.49 -1.03 16.42
C ARG B 84 13.47 -0.73 17.57
N GLN B 85 13.71 0.55 17.82
CA GLN B 85 14.60 0.93 18.92
C GLN B 85 13.95 0.61 20.24
N LEU B 86 12.63 0.59 20.25
CA LEU B 86 11.86 0.35 21.47
C LEU B 86 11.52 -1.12 21.69
N LEU B 87 11.51 -1.91 20.63
CA LEU B 87 11.41 -3.37 20.76
C LEU B 87 12.79 -4.00 21.00
N ALA B 88 13.83 -3.16 21.01
CA ALA B 88 15.19 -3.60 21.30
C ALA B 88 15.35 -3.87 22.79
N PRO B 89 16.14 -4.90 23.15
CA PRO B 89 16.27 -5.35 24.54
C PRO B 89 16.80 -4.26 25.48
N GLY B 90 16.49 -4.38 26.77
CA GLY B 90 16.90 -3.37 27.74
C GLY B 90 15.83 -2.31 27.94
N ASN B 91 14.86 -2.27 27.04
CA ASN B 91 13.71 -1.39 27.18
C ASN B 91 12.56 -2.14 27.85
N MET B 92 11.75 -1.42 28.61
CA MET B 92 10.67 -2.03 29.39
C MET B 92 9.31 -1.37 29.11
N LEU B 93 8.30 -1.79 29.87
CA LEU B 93 6.97 -1.21 29.78
C LEU B 93 7.01 0.29 30.11
N GLY B 94 6.58 1.13 29.17
CA GLY B 94 6.56 2.55 29.38
C GLY B 94 7.75 3.30 28.82
N SER B 95 8.75 2.57 28.36
CA SER B 95 9.87 3.19 27.66
C SER B 95 9.30 4.04 26.52
N PHE B 96 9.83 5.25 26.37
CA PHE B 96 9.25 6.18 25.41
C PHE B 96 10.29 6.93 24.60
N MET B 97 9.81 7.72 23.65
CA MET B 97 10.63 8.71 22.96
C MET B 97 9.77 9.79 22.33
N ILE B 98 10.32 10.99 22.25
CA ILE B 98 9.72 12.04 21.44
C ILE B 98 10.64 12.17 20.23
N ARG B 99 10.09 12.59 19.09
CA ARG B 99 10.83 12.58 17.84
C ARG B 99 10.10 13.43 16.84
N ASP B 100 10.77 13.75 15.73
CA ASP B 100 10.13 14.51 14.66
C ASP B 100 8.99 13.68 14.10
N SER B 101 7.89 14.34 13.77
CA SER B 101 6.79 13.68 13.08
C SER B 101 7.18 13.46 11.62
N GLU B 102 7.16 12.19 11.21
CA GLU B 102 7.46 11.78 9.84
C GLU B 102 6.42 12.38 8.89
N THR B 103 5.14 12.25 9.26
CA THR B 103 4.02 12.68 8.42
C THR B 103 3.34 14.00 8.82
N THR B 104 3.94 14.75 9.74
CA THR B 104 3.45 16.08 10.09
C THR B 104 4.64 17.04 10.08
N LYS B 105 5.22 17.19 8.89
CA LYS B 105 6.52 17.86 8.72
C LYS B 105 6.68 19.13 9.54
N GLY B 106 7.57 19.06 10.52
CA GLY B 106 7.84 20.20 11.37
C GLY B 106 7.27 20.08 12.77
N SER B 107 6.63 18.96 13.07
CA SER B 107 6.04 18.76 14.41
C SER B 107 6.61 17.50 15.05
N TYR B 108 6.14 17.17 16.26
CA TYR B 108 6.68 16.05 17.00
C TYR B 108 5.66 14.94 17.29
N SER B 109 6.18 13.75 17.60
CA SER B 109 5.35 12.60 17.98
C SER B 109 5.94 11.87 19.17
N LEU B 110 5.09 11.29 20.00
CA LEU B 110 5.51 10.53 21.18
C LEU B 110 5.24 9.04 20.97
N SER B 111 6.26 8.22 21.13
CA SER B 111 6.10 6.79 20.92
C SER B 111 6.34 6.04 22.24
N VAL B 112 5.36 5.23 22.64
CA VAL B 112 5.41 4.57 23.94
C VAL B 112 5.29 3.06 23.82
N ARG B 113 6.01 2.34 24.68
CA ARG B 113 5.97 0.88 24.67
C ARG B 113 4.82 0.35 25.53
N ASP B 114 4.16 -0.70 25.05
CA ASP B 114 2.96 -1.25 25.69
C ASP B 114 3.05 -2.76 25.72
N TYR B 115 2.07 -3.39 26.36
CA TYR B 115 1.87 -4.82 26.22
C TYR B 115 0.41 -5.09 25.84
N ASP B 116 0.22 -6.11 25.02
CA ASP B 116 -1.11 -6.57 24.64
C ASP B 116 -1.05 -8.09 24.54
N PRO B 117 -1.97 -8.78 25.23
CA PRO B 117 -2.06 -10.25 25.30
C PRO B 117 -1.99 -10.96 23.95
N ARG B 118 -2.53 -10.34 22.89
CA ARG B 118 -2.44 -10.88 21.53
C ARG B 118 -0.99 -10.98 21.06
N GLN B 119 -0.54 -9.91 20.40
CA GLN B 119 0.77 -9.88 19.74
C GLN B 119 1.95 -9.80 20.71
N GLY B 120 1.71 -9.27 21.91
CA GLY B 120 2.75 -9.17 22.92
C GLY B 120 3.20 -7.74 23.13
N ASP B 121 4.52 -7.54 23.10
CA ASP B 121 5.04 -6.18 23.19
C ASP B 121 4.74 -5.40 21.91
N THR B 122 4.20 -4.20 22.10
CA THR B 122 3.86 -3.32 20.98
C THR B 122 4.44 -1.94 21.23
N VAL B 123 4.60 -1.17 20.16
CA VAL B 123 4.89 0.25 20.29
C VAL B 123 3.66 0.95 19.78
N LYS B 124 3.19 1.94 20.53
CA LYS B 124 2.05 2.72 20.12
C LYS B 124 2.51 4.15 19.94
N HIS B 125 1.92 4.85 18.98
CA HIS B 125 2.39 6.19 18.64
C HIS B 125 1.32 7.25 18.89
N TYR B 126 1.72 8.37 19.46
CA TYR B 126 0.79 9.48 19.69
C TYR B 126 1.31 10.70 18.94
N LYS B 127 0.40 11.60 18.54
CA LYS B 127 0.81 12.82 17.88
C LYS B 127 0.81 13.97 18.88
N ILE B 128 1.73 14.90 18.69
CA ILE B 128 1.75 16.11 19.50
C ILE B 128 1.29 17.28 18.64
N ARG B 129 0.14 17.85 19.00
CA ARG B 129 -0.47 18.90 18.22
C ARG B 129 0.11 20.24 18.65
N PHE B 136 2.62 23.19 23.93
CA PHE B 136 1.67 22.39 23.15
C PHE B 136 1.13 21.18 23.93
N TYR B 137 0.41 20.29 23.24
CA TYR B 137 -0.42 19.28 23.91
C TYR B 137 -0.72 18.04 23.03
N ILE B 138 -1.30 17.00 23.66
CA ILE B 138 -1.88 15.88 22.92
C ILE B 138 -3.42 15.97 22.91
N SER B 139 -4.00 15.82 24.11
CA SER B 139 -5.43 15.99 24.33
C SER B 139 -5.73 17.31 25.06
N PRO B 140 -6.74 18.06 24.59
CA PRO B 140 -7.08 19.42 25.05
C PRO B 140 -7.05 19.64 26.56
N ARG B 141 -7.32 18.60 27.33
CA ARG B 141 -7.36 18.69 28.79
C ARG B 141 -6.02 19.08 29.41
N SER B 142 -4.92 18.78 28.71
CA SER B 142 -3.58 18.99 29.25
C SER B 142 -2.64 19.78 28.33
N THR B 143 -2.53 21.09 28.55
CA THR B 143 -1.64 21.93 27.75
C THR B 143 -0.29 22.15 28.46
N PHE B 144 0.79 22.13 27.69
CA PHE B 144 2.14 22.28 28.24
C PHE B 144 3.00 23.26 27.41
N SER B 145 3.75 24.11 28.10
CA SER B 145 4.58 25.13 27.45
C SER B 145 5.94 24.57 27.06
N THR B 146 6.40 23.55 27.79
CA THR B 146 7.65 22.87 27.50
C THR B 146 7.46 21.36 27.35
N LEU B 147 8.40 20.73 26.65
CA LEU B 147 8.25 19.32 26.30
C LEU B 147 8.66 18.40 27.46
N GLN B 148 9.32 18.97 28.46
CA GLN B 148 9.67 18.25 29.68
C GLN B 148 8.45 18.22 30.58
N GLU B 149 7.82 19.39 30.73
CA GLU B 149 6.55 19.53 31.45
C GLU B 149 5.57 18.49 30.91
N LEU B 150 5.49 18.40 29.58
CA LEU B 150 4.75 17.35 28.90
C LEU B 150 5.15 15.96 29.39
N VAL B 151 6.43 15.63 29.24
CA VAL B 151 6.97 14.33 29.66
C VAL B 151 6.79 14.07 31.15
N ASP B 152 7.10 15.09 31.95
CA ASP B 152 6.96 15.01 33.41
C ASP B 152 5.50 14.71 33.84
N HIS B 153 4.53 15.09 33.01
CA HIS B 153 3.14 14.81 33.33
C HIS B 153 2.80 13.34 33.16
N TYR B 154 3.30 12.74 32.08
CA TYR B 154 2.91 11.38 31.73
C TYR B 154 3.71 10.27 32.44
N LYS B 155 4.69 10.67 33.24
CA LYS B 155 5.34 9.75 34.18
C LYS B 155 4.50 9.64 35.45
N LYS B 156 3.72 10.69 35.71
CA LYS B 156 2.87 10.77 36.91
C LYS B 156 1.54 10.03 36.75
N GLY B 157 1.58 8.90 36.04
CA GLY B 157 0.37 8.18 35.70
C GLY B 157 -0.15 8.64 34.35
N ASN B 158 -0.94 7.79 33.68
CA ASN B 158 -1.41 8.11 32.35
C ASN B 158 -2.66 9.00 32.29
N ASP B 159 -2.56 10.06 31.50
CA ASP B 159 -3.70 10.92 31.23
C ASP B 159 -4.35 10.42 29.95
N GLY B 160 -4.64 9.12 29.92
CA GLY B 160 -5.27 8.50 28.76
C GLY B 160 -4.42 7.44 28.08
N LEU B 161 -3.10 7.66 28.09
CA LEU B 161 -2.16 6.81 27.34
C LEU B 161 -2.20 5.34 27.73
N CYS B 162 -1.74 4.48 26.83
CA CYS B 162 -1.73 3.03 27.01
C CYS B 162 -0.86 2.59 28.19
N GLN B 163 0.06 3.48 28.60
CA GLN B 163 1.02 3.16 29.65
C GLN B 163 1.61 4.44 30.23
N LYS B 164 2.13 4.34 31.46
CA LYS B 164 2.79 5.49 32.11
C LYS B 164 4.28 5.54 31.77
N LEU B 165 4.80 6.74 31.54
CA LEU B 165 6.19 6.90 31.08
C LEU B 165 7.24 6.44 32.10
N SER B 166 7.95 5.36 31.75
CA SER B 166 9.09 4.89 32.52
C SER B 166 10.34 5.68 32.12
N VAL B 167 11.23 5.01 31.41
CA VAL B 167 12.55 5.52 31.05
C VAL B 167 12.60 5.84 29.56
N PRO B 168 13.31 6.91 29.17
CA PRO B 168 13.58 7.12 27.75
C PRO B 168 14.18 5.89 27.09
N CYS B 169 14.06 5.84 25.77
CA CYS B 169 14.53 4.72 24.96
C CYS B 169 16.06 4.61 25.02
N MET B 170 16.57 3.38 25.12
CA MET B 170 18.02 3.18 25.17
C MET B 170 18.66 3.57 23.84
N SER B 171 19.56 4.54 23.88
CA SER B 171 20.27 4.96 22.69
C SER B 171 21.59 4.19 22.56
N SER B 172 22.07 4.04 21.32
CA SER B 172 23.39 3.46 21.08
C SER B 172 24.37 4.60 20.81
N LYS B 173 25.67 4.30 20.86
CA LYS B 173 26.66 5.27 20.42
C LYS B 173 26.76 5.08 18.92
N PRO B 174 26.61 6.17 18.15
CA PRO B 174 26.62 6.05 16.69
C PRO B 174 28.00 5.63 16.25
N GLN B 175 28.11 4.97 15.12
CA GLN B 175 29.42 4.55 14.66
C GLN B 175 30.23 5.80 14.34
N LYS B 176 31.54 5.71 14.60
CA LYS B 176 32.47 6.81 14.40
C LYS B 176 32.67 7.10 12.92
N PRO B 177 32.88 8.37 12.55
CA PRO B 177 33.08 8.66 11.13
C PRO B 177 34.51 8.30 10.70
N TRP B 178 34.64 7.79 9.48
CA TRP B 178 35.93 7.44 8.90
C TRP B 178 36.83 8.67 8.86
N GLU B 179 38.11 8.45 9.11
CA GLU B 179 39.16 9.46 8.95
C GLU B 179 38.86 10.41 7.78
N LYS B 180 39.16 11.70 7.98
CA LYS B 180 38.97 12.69 6.93
C LYS B 180 40.02 12.50 5.83
N ASP B 181 39.70 12.91 4.60
CA ASP B 181 40.55 12.71 3.41
C ASP B 181 41.21 11.33 3.40
N ALA B 182 40.40 10.30 3.56
CA ALA B 182 40.90 8.93 3.63
C ALA B 182 40.03 7.99 2.82
N TRP B 183 39.84 8.36 1.55
CA TRP B 183 39.04 7.56 0.65
C TRP B 183 39.93 6.61 -0.14
N GLU B 184 41.05 7.15 -0.63
CA GLU B 184 42.10 6.33 -1.21
C GLU B 184 43.18 6.09 -0.15
N ILE B 185 43.24 4.86 0.38
CA ILE B 185 44.28 4.51 1.36
C ILE B 185 45.35 3.61 0.73
N PRO B 186 46.58 3.64 1.27
CA PRO B 186 47.63 2.70 0.86
C PRO B 186 47.43 1.37 1.57
N ARG B 187 47.89 0.27 0.97
CA ARG B 187 47.69 -1.05 1.56
C ARG B 187 48.24 -1.17 3.00
N GLU B 188 49.37 -0.52 3.26
CA GLU B 188 50.08 -0.57 4.55
C GLU B 188 49.24 -0.28 5.80
N SER B 189 48.20 0.52 5.60
CA SER B 189 47.23 0.86 6.64
C SER B 189 46.40 -0.34 7.12
N LEU B 190 46.30 -1.38 6.29
CA LEU B 190 45.47 -2.53 6.62
C LEU B 190 46.23 -3.68 7.27
N LYS B 191 45.53 -4.46 8.08
CA LYS B 191 46.01 -5.75 8.56
C LYS B 191 44.84 -6.71 8.52
N LEU B 192 44.79 -7.53 7.46
CA LEU B 192 43.73 -8.52 7.30
C LEU B 192 44.09 -9.73 8.15
N GLU B 193 43.38 -9.93 9.25
CA GLU B 193 43.75 -10.89 10.28
C GLU B 193 43.08 -12.26 10.16
N LYS B 194 41.85 -12.28 9.64
CA LYS B 194 41.11 -13.53 9.46
C LYS B 194 40.30 -13.55 8.17
N LYS B 195 40.43 -14.63 7.42
CA LYS B 195 39.65 -14.82 6.19
C LYS B 195 38.27 -15.27 6.60
N LEU B 196 37.25 -14.59 6.08
CA LEU B 196 35.85 -14.91 6.40
C LEU B 196 35.24 -15.79 5.32
N GLY B 197 35.64 -15.56 4.08
CA GLY B 197 35.15 -16.34 2.96
C GLY B 197 36.01 -16.16 1.74
N ALA B 198 36.00 -17.17 0.86
CA ALA B 198 36.78 -17.13 -0.39
C ALA B 198 35.87 -17.55 -1.53
N GLY B 199 36.03 -16.95 -2.69
CA GLY B 199 35.11 -17.21 -3.79
C GLY B 199 35.74 -17.20 -5.16
N GLN B 200 34.90 -17.12 -6.19
CA GLN B 200 35.36 -17.12 -7.57
C GLN B 200 36.16 -15.86 -7.88
N PHE B 201 35.74 -14.74 -7.30
CA PHE B 201 36.27 -13.43 -7.70
C PHE B 201 37.26 -12.78 -6.72
N GLY B 202 37.22 -13.20 -5.47
CA GLY B 202 38.16 -12.71 -4.48
C GLY B 202 37.85 -13.24 -3.11
N GLU B 203 38.40 -12.60 -2.09
CA GLU B 203 38.21 -13.07 -0.73
C GLU B 203 37.62 -11.96 0.14
N VAL B 204 37.03 -12.34 1.27
CA VAL B 204 36.54 -11.37 2.24
C VAL B 204 37.29 -11.60 3.55
N TRP B 205 37.81 -10.52 4.14
CA TRP B 205 38.64 -10.63 5.34
C TRP B 205 38.14 -9.74 6.47
N MET B 206 38.32 -10.20 7.71
CA MET B 206 38.18 -9.34 8.89
C MET B 206 39.54 -8.65 9.08
N ALA B 207 39.55 -7.31 9.16
CA ALA B 207 40.81 -6.56 9.17
C ALA B 207 40.86 -5.38 10.14
N THR B 208 42.06 -4.87 10.42
CA THR B 208 42.24 -3.66 11.23
C THR B 208 42.85 -2.50 10.44
N TYR B 209 42.24 -1.31 10.55
CA TYR B 209 42.74 -0.13 9.84
C TYR B 209 43.49 0.87 10.75
N ASN B 210 44.75 1.11 10.40
CA ASN B 210 45.66 1.95 11.18
C ASN B 210 45.64 1.70 12.69
N LYS B 211 45.51 0.42 13.06
CA LYS B 211 45.66 -0.09 14.44
C LYS B 211 44.56 0.16 15.48
N HIS B 212 43.49 0.88 15.13
CA HIS B 212 42.42 1.13 16.10
C HIS B 212 40.99 1.02 15.55
N THR B 213 40.83 0.40 14.37
CA THR B 213 39.54 0.41 13.69
C THR B 213 39.18 -0.87 12.93
N LYS B 214 38.32 -1.71 13.52
CA LYS B 214 37.87 -2.93 12.87
C LYS B 214 37.14 -2.62 11.54
N VAL B 215 37.51 -3.33 10.48
CA VAL B 215 36.86 -3.22 9.17
C VAL B 215 36.78 -4.57 8.48
N ALA B 216 36.01 -4.63 7.40
CA ALA B 216 35.92 -5.83 6.55
C ALA B 216 36.45 -5.52 5.14
N VAL B 217 37.33 -6.37 4.63
CA VAL B 217 37.96 -6.10 3.33
C VAL B 217 37.56 -7.11 2.27
N LYS B 218 37.05 -6.63 1.14
CA LYS B 218 36.85 -7.47 -0.03
C LYS B 218 38.08 -7.32 -0.93
N THR B 219 38.72 -8.44 -1.24
CA THR B 219 39.94 -8.45 -2.04
C THR B 219 39.72 -9.06 -3.42
N MET B 220 39.34 -8.22 -4.39
CA MET B 220 39.12 -8.66 -5.78
C MET B 220 40.38 -9.18 -6.46
N LYS B 221 40.28 -10.33 -7.13
CA LYS B 221 41.37 -10.84 -7.96
C LYS B 221 41.39 -10.09 -9.28
N PRO B 222 42.58 -9.83 -9.83
CA PRO B 222 42.72 -9.10 -11.09
C PRO B 222 42.11 -9.83 -12.28
N GLY B 223 41.60 -9.06 -13.23
CA GLY B 223 41.07 -9.58 -14.47
C GLY B 223 40.96 -8.44 -15.47
N SER B 224 39.91 -8.47 -16.29
CA SER B 224 39.64 -7.37 -17.21
C SER B 224 39.35 -6.09 -16.43
N MET B 225 38.80 -6.26 -15.23
CA MET B 225 38.37 -5.18 -14.33
C MET B 225 39.10 -3.86 -14.58
N SER B 226 38.65 -3.13 -15.59
CA SER B 226 39.20 -1.82 -15.89
C SER B 226 39.25 -1.04 -14.58
N VAL B 227 40.46 -0.84 -14.08
CA VAL B 227 40.68 -0.18 -12.80
C VAL B 227 40.04 1.20 -12.86
N GLU B 228 40.18 1.85 -14.02
CA GLU B 228 39.51 3.11 -14.30
C GLU B 228 37.98 2.96 -14.23
N ALA B 229 37.48 1.80 -14.67
CA ALA B 229 36.04 1.53 -14.56
C ALA B 229 35.62 1.24 -13.13
N PHE B 230 36.47 0.53 -12.38
CA PHE B 230 36.09 0.24 -11.01
C PHE B 230 36.14 1.48 -10.10
N LEU B 231 37.21 2.26 -10.19
CA LEU B 231 37.33 3.48 -9.38
C LEU B 231 36.11 4.37 -9.55
N ALA B 232 35.64 4.51 -10.79
CA ALA B 232 34.50 5.38 -11.07
C ALA B 232 33.18 4.81 -10.57
N GLU B 233 33.05 3.49 -10.53
CA GLU B 233 31.85 2.87 -9.97
C GLU B 233 31.85 2.96 -8.44
N ALA B 234 33.02 2.79 -7.84
CA ALA B 234 33.17 2.92 -6.40
C ALA B 234 32.86 4.32 -5.90
N ASN B 235 33.11 5.33 -6.74
CA ASN B 235 32.76 6.71 -6.39
C ASN B 235 31.24 6.96 -6.45
N VAL B 236 30.53 6.09 -7.16
CA VAL B 236 29.08 6.12 -7.19
C VAL B 236 28.52 5.31 -6.02
N MET B 237 29.20 4.21 -5.68
CA MET B 237 28.82 3.40 -4.54
C MET B 237 29.05 4.15 -3.23
N LYS B 238 30.02 5.05 -3.25
CA LYS B 238 30.38 5.88 -2.11
C LYS B 238 29.21 6.78 -1.67
N THR B 239 28.42 7.22 -2.65
CA THR B 239 27.32 8.16 -2.45
C THR B 239 25.99 7.53 -2.07
N LEU B 240 25.90 6.21 -2.14
CA LEU B 240 24.68 5.50 -1.76
C LEU B 240 24.66 5.16 -0.28
N GLN B 241 24.69 6.19 0.57
CA GLN B 241 24.75 5.98 2.01
C GLN B 241 23.36 5.96 2.65
N HIS B 242 23.08 4.89 3.37
CA HIS B 242 21.75 4.66 3.94
C HIS B 242 21.93 3.65 5.07
N ASP B 243 21.07 3.70 6.08
CA ASP B 243 21.23 2.82 7.24
C ASP B 243 21.08 1.34 6.87
N LYS B 244 20.44 1.07 5.74
CA LYS B 244 20.24 -0.31 5.33
C LYS B 244 21.11 -0.74 4.14
N LEU B 245 22.12 0.05 3.83
CA LEU B 245 23.21 -0.36 2.94
C LEU B 245 24.52 -0.38 3.73
N VAL B 246 25.38 -1.36 3.44
CA VAL B 246 26.68 -1.45 4.13
C VAL B 246 27.51 -0.19 3.85
N LYS B 247 28.23 0.30 4.85
CA LYS B 247 28.94 1.56 4.71
C LYS B 247 30.31 1.32 4.06
N LEU B 248 30.45 1.78 2.82
CA LEU B 248 31.73 1.74 2.13
C LEU B 248 32.64 2.87 2.67
N HIS B 249 33.81 2.48 3.19
CA HIS B 249 34.74 3.44 3.81
C HIS B 249 35.89 3.88 2.89
N ALA B 250 36.65 2.93 2.37
CA ALA B 250 37.85 3.24 1.61
C ALA B 250 38.15 2.23 0.51
N VAL B 251 39.25 2.48 -0.19
CA VAL B 251 39.61 1.72 -1.37
C VAL B 251 41.13 1.75 -1.58
N VAL B 252 41.71 0.61 -1.91
CA VAL B 252 43.10 0.55 -2.35
C VAL B 252 43.06 0.38 -3.87
N THR B 253 43.65 1.34 -4.58
CA THR B 253 43.49 1.46 -6.03
C THR B 253 44.47 0.58 -6.84
N LYS B 254 45.53 0.14 -6.20
CA LYS B 254 46.56 -0.68 -6.84
C LYS B 254 46.22 -2.19 -6.80
N GLU B 255 46.19 -2.86 -7.96
CA GLU B 255 45.85 -4.29 -8.04
C GLU B 255 46.76 -5.18 -7.16
N PRO B 256 46.16 -6.15 -6.45
CA PRO B 256 44.71 -6.44 -6.43
C PRO B 256 43.93 -5.40 -5.60
N ILE B 257 42.75 -5.02 -6.07
CA ILE B 257 41.97 -3.96 -5.43
C ILE B 257 41.31 -4.38 -4.12
N TYR B 258 41.42 -3.53 -3.09
CA TYR B 258 40.76 -3.77 -1.81
C TYR B 258 39.55 -2.87 -1.63
N ILE B 259 38.46 -3.45 -1.09
CA ILE B 259 37.25 -2.71 -0.76
C ILE B 259 37.09 -2.70 0.74
N ILE B 260 37.12 -1.52 1.36
CA ILE B 260 37.06 -1.48 2.81
C ILE B 260 35.70 -0.99 3.22
N THR B 261 34.95 -1.85 3.93
CA THR B 261 33.62 -1.51 4.45
C THR B 261 33.57 -1.69 5.96
N GLU B 262 32.42 -1.34 6.54
CA GLU B 262 32.17 -1.56 7.95
C GLU B 262 32.02 -3.06 8.24
N PHE B 263 32.53 -3.50 9.38
CA PHE B 263 32.40 -4.88 9.79
C PHE B 263 31.04 -5.18 10.43
N MET B 264 30.31 -6.11 9.81
CA MET B 264 29.04 -6.59 10.31
C MET B 264 29.22 -7.83 11.19
N ALA B 265 28.91 -7.69 12.47
CA ALA B 265 29.24 -8.73 13.45
C ALA B 265 28.69 -10.14 13.20
N LYS B 266 27.48 -10.24 12.67
CA LYS B 266 26.85 -11.55 12.45
C LYS B 266 26.89 -12.06 11.00
N GLY B 267 27.73 -11.44 10.18
CA GLY B 267 27.97 -11.93 8.82
C GLY B 267 26.75 -12.05 7.93
N SER B 268 26.75 -13.03 7.04
CA SER B 268 25.70 -13.17 6.04
C SER B 268 24.33 -13.45 6.65
N LEU B 269 23.28 -13.05 5.94
CA LEU B 269 21.91 -13.35 6.35
C LEU B 269 21.64 -14.82 6.12
N LEU B 270 22.23 -15.35 5.06
CA LEU B 270 22.20 -16.77 4.77
C LEU B 270 22.83 -17.60 5.91
N ASP B 271 24.01 -17.22 6.36
CA ASP B 271 24.63 -17.97 7.46
C ASP B 271 23.94 -17.70 8.79
N PHE B 272 23.31 -16.53 8.91
CA PHE B 272 22.66 -16.19 10.16
C PHE B 272 21.36 -16.95 10.39
N LEU B 273 20.57 -17.10 9.34
CA LEU B 273 19.30 -17.83 9.42
C LEU B 273 19.52 -19.30 9.77
N LYS B 274 20.59 -19.87 9.25
CA LYS B 274 20.89 -21.27 9.50
C LYS B 274 21.55 -21.54 10.86
N SER B 275 21.97 -20.47 11.54
CA SER B 275 22.62 -20.61 12.85
C SER B 275 21.62 -21.02 13.95
N ASP B 276 22.12 -21.22 15.16
CA ASP B 276 21.25 -21.54 16.30
C ASP B 276 20.39 -20.33 16.67
N GLU B 277 21.05 -19.18 16.82
CA GLU B 277 20.36 -17.93 17.12
C GLU B 277 19.40 -17.54 16.00
N GLY B 278 19.68 -18.01 14.79
CA GLY B 278 18.87 -17.67 13.65
C GLY B 278 17.64 -18.54 13.47
N SER B 279 17.62 -19.69 14.12
CA SER B 279 16.47 -20.59 14.04
C SER B 279 15.48 -20.25 15.15
N LYS B 280 15.91 -19.37 16.05
CA LYS B 280 15.09 -18.94 17.18
C LYS B 280 14.21 -17.72 16.88
N GLN B 281 14.48 -17.03 15.77
CA GLN B 281 13.73 -15.84 15.40
C GLN B 281 12.32 -16.18 14.99
N PRO B 282 11.32 -15.56 15.63
CA PRO B 282 9.95 -15.85 15.23
C PRO B 282 9.61 -15.19 13.89
N LEU B 283 8.44 -15.48 13.34
CA LEU B 283 8.00 -14.92 12.06
C LEU B 283 7.95 -13.38 11.95
N PRO B 284 7.37 -12.68 12.95
CA PRO B 284 7.34 -11.21 12.87
C PRO B 284 8.73 -10.55 12.72
N LYS B 285 9.78 -11.20 13.22
CA LYS B 285 11.15 -10.73 13.08
C LYS B 285 11.72 -10.96 11.68
N LEU B 286 11.44 -12.13 11.11
CA LEU B 286 11.84 -12.44 9.74
C LEU B 286 11.26 -11.41 8.78
N ILE B 287 9.98 -11.11 8.98
CA ILE B 287 9.30 -10.08 8.24
C ILE B 287 9.97 -8.73 8.45
N ASP B 288 10.36 -8.45 9.68
CA ASP B 288 11.08 -7.20 9.98
C ASP B 288 12.35 -7.07 9.15
N PHE B 289 13.12 -8.16 9.05
CA PHE B 289 14.33 -8.21 8.21
C PHE B 289 14.02 -7.84 6.77
N SER B 290 13.00 -8.50 6.22
CA SER B 290 12.52 -8.25 4.87
C SER B 290 12.20 -6.78 4.70
N ALA B 291 11.55 -6.21 5.70
CA ALA B 291 11.14 -4.82 5.63
C ALA B 291 12.36 -3.91 5.54
N GLN B 292 13.38 -4.21 6.33
CA GLN B 292 14.65 -3.47 6.29
C GLN B 292 15.30 -3.54 4.92
N ILE B 293 15.34 -4.74 4.35
CA ILE B 293 15.90 -4.95 3.01
C ILE B 293 15.08 -4.20 1.98
N ALA B 294 13.76 -4.20 2.15
CA ALA B 294 12.91 -3.46 1.23
C ALA B 294 13.16 -1.96 1.35
N GLU B 295 13.48 -1.50 2.56
CA GLU B 295 13.76 -0.09 2.80
C GLU B 295 15.05 0.29 2.09
N GLY B 296 16.05 -0.59 2.16
CA GLY B 296 17.32 -0.41 1.44
C GLY B 296 17.21 -0.55 -0.06
N MET B 297 16.29 -1.37 -0.52
CA MET B 297 16.06 -1.49 -1.95
C MET B 297 15.22 -0.34 -2.47
N ALA B 298 14.39 0.22 -1.60
CA ALA B 298 13.58 1.39 -1.98
C ALA B 298 14.46 2.62 -2.17
N PHE B 299 15.52 2.70 -1.39
CA PHE B 299 16.54 3.73 -1.53
C PHE B 299 17.28 3.61 -2.85
N ILE B 300 17.73 2.39 -3.17
CA ILE B 300 18.43 2.11 -4.42
C ILE B 300 17.53 2.43 -5.62
N GLU B 301 16.26 2.08 -5.49
CA GLU B 301 15.23 2.38 -6.50
C GLU B 301 15.01 3.88 -6.71
N GLN B 302 14.90 4.63 -5.62
CA GLN B 302 14.72 6.08 -5.69
C GLN B 302 15.97 6.74 -6.27
N ARG B 303 17.14 6.18 -5.97
CA ARG B 303 18.40 6.71 -6.47
C ARG B 303 18.75 6.17 -7.86
N ASN B 304 17.79 5.51 -8.49
CA ASN B 304 17.96 5.02 -9.86
C ASN B 304 19.16 4.10 -10.10
N TYR B 305 19.56 3.38 -9.06
CA TYR B 305 20.67 2.41 -9.15
C TYR B 305 20.08 1.01 -9.35
N ILE B 306 20.93 0.04 -9.66
CA ILE B 306 20.52 -1.36 -9.77
C ILE B 306 21.49 -2.27 -9.00
N HIS B 307 20.95 -3.20 -8.21
CA HIS B 307 21.78 -4.15 -7.45
C HIS B 307 22.39 -5.24 -8.33
N ARG B 308 21.52 -6.05 -8.94
CA ARG B 308 21.85 -7.13 -9.89
C ARG B 308 22.15 -8.50 -9.26
N ASP B 309 22.47 -8.52 -7.97
CA ASP B 309 22.68 -9.80 -7.26
C ASP B 309 22.05 -9.83 -5.87
N LEU B 310 20.73 -9.67 -5.80
CA LEU B 310 20.01 -9.69 -4.51
C LEU B 310 19.73 -11.12 -4.03
N ARG B 311 20.21 -11.44 -2.84
CA ARG B 311 19.93 -12.72 -2.18
C ARG B 311 20.49 -12.71 -0.76
N ALA B 312 20.07 -13.67 0.06
CA ALA B 312 20.47 -13.72 1.48
C ALA B 312 21.99 -13.71 1.71
N ALA B 313 22.73 -14.27 0.75
CA ALA B 313 24.18 -14.25 0.80
C ALA B 313 24.77 -12.84 0.68
N ASN B 314 24.01 -11.93 0.07
CA ASN B 314 24.47 -10.54 -0.07
C ASN B 314 23.77 -9.58 0.87
N ILE B 315 23.18 -10.13 1.93
CA ILE B 315 22.68 -9.30 3.03
C ILE B 315 23.54 -9.53 4.26
N LEU B 316 24.10 -8.46 4.82
CA LEU B 316 24.85 -8.58 6.07
C LEU B 316 23.94 -8.26 7.26
N VAL B 317 24.33 -8.71 8.45
CA VAL B 317 23.56 -8.51 9.68
C VAL B 317 24.47 -8.00 10.81
N SER B 318 24.08 -6.93 11.49
CA SER B 318 24.86 -6.40 12.60
C SER B 318 24.55 -7.15 13.89
N ALA B 319 25.28 -6.81 14.96
CA ALA B 319 25.01 -7.39 16.27
C ALA B 319 23.64 -6.96 16.82
N SER B 320 23.14 -5.82 16.33
CA SER B 320 21.84 -5.30 16.71
C SER B 320 20.70 -6.01 15.98
N LEU B 321 21.05 -6.92 15.08
CA LEU B 321 20.11 -7.55 14.15
C LEU B 321 19.56 -6.56 13.11
N VAL B 322 20.38 -5.59 12.72
CA VAL B 322 20.05 -4.69 11.62
C VAL B 322 20.61 -5.24 10.32
N CYS B 323 19.76 -5.36 9.30
CA CYS B 323 20.17 -5.86 8.00
C CYS B 323 20.80 -4.77 7.14
N LYS B 324 21.87 -5.09 6.44
CA LYS B 324 22.41 -4.14 5.46
C LYS B 324 22.75 -4.86 4.16
N ILE B 325 22.45 -4.20 3.05
CA ILE B 325 22.69 -4.77 1.74
C ILE B 325 24.16 -4.60 1.34
N ALA B 326 24.82 -5.71 1.05
CA ALA B 326 26.20 -5.68 0.58
C ALA B 326 26.23 -5.91 -0.92
N ASP B 327 27.35 -5.58 -1.58
CA ASP B 327 27.59 -5.93 -2.98
C ASP B 327 26.71 -5.21 -4.01
N PHE B 328 26.16 -4.05 -3.68
CA PHE B 328 25.33 -3.34 -4.65
C PHE B 328 26.16 -2.83 -5.84
N GLY B 329 25.79 -3.28 -7.05
CA GLY B 329 26.41 -2.79 -8.27
C GLY B 329 27.63 -3.52 -8.77
N LEU B 330 28.27 -4.27 -7.88
CA LEU B 330 29.43 -5.07 -8.22
C LEU B 330 29.23 -5.95 -9.47
N ALA B 331 28.01 -6.46 -9.67
CA ALA B 331 27.75 -7.41 -10.76
C ALA B 331 28.05 -6.88 -12.17
N ARG B 332 27.99 -5.56 -12.34
CA ARG B 332 28.27 -4.92 -13.62
C ARG B 332 29.76 -4.98 -13.97
N VAL B 333 30.60 -4.97 -12.93
CA VAL B 333 32.06 -4.94 -13.10
C VAL B 333 32.70 -6.34 -13.21
N ILE B 334 32.12 -7.33 -12.56
CA ILE B 334 32.66 -8.70 -12.60
C ILE B 334 32.29 -9.42 -13.90
N PRO B 348 24.35 -19.24 -10.59
CA PRO B 348 23.93 -17.98 -9.93
C PRO B 348 22.47 -17.60 -10.20
N ILE B 349 21.76 -18.44 -10.97
CA ILE B 349 20.49 -18.05 -11.61
C ILE B 349 19.16 -18.32 -10.90
N LYS B 350 19.18 -19.08 -9.80
CA LYS B 350 17.94 -19.36 -9.07
C LYS B 350 17.36 -18.15 -8.34
N TRP B 351 18.03 -17.01 -8.46
CA TRP B 351 17.53 -15.73 -7.94
C TRP B 351 17.26 -14.74 -9.06
N THR B 352 17.53 -15.13 -10.29
CA THR B 352 17.56 -14.20 -11.40
C THR B 352 16.27 -14.19 -12.23
N ALA B 353 15.80 -13.00 -12.56
CA ALA B 353 14.56 -12.83 -13.33
C ALA B 353 14.71 -13.40 -14.74
N PRO B 354 13.61 -13.92 -15.32
CA PRO B 354 13.64 -14.58 -16.62
C PRO B 354 14.17 -13.71 -17.76
N GLU B 355 13.86 -12.42 -17.75
CA GLU B 355 14.36 -11.51 -18.78
C GLU B 355 15.85 -11.29 -18.62
N ALA B 356 16.34 -11.41 -17.39
CA ALA B 356 17.76 -11.25 -17.10
C ALA B 356 18.59 -12.41 -17.63
N ILE B 357 18.25 -13.62 -17.19
CA ILE B 357 18.93 -14.85 -17.62
C ILE B 357 19.03 -14.94 -19.15
N ASN B 358 17.92 -14.64 -19.82
CA ASN B 358 17.80 -14.72 -21.27
C ASN B 358 18.47 -13.58 -22.02
N PHE B 359 18.06 -12.35 -21.72
CA PHE B 359 18.44 -11.21 -22.54
C PHE B 359 19.45 -10.27 -21.85
N GLY B 360 19.87 -10.62 -20.64
CA GLY B 360 20.74 -9.76 -19.86
C GLY B 360 20.09 -8.42 -19.60
N SER B 361 18.81 -8.46 -19.21
CA SER B 361 18.02 -7.24 -19.00
C SER B 361 17.89 -6.95 -17.52
N PHE B 362 18.89 -6.28 -16.95
CA PHE B 362 18.88 -5.98 -15.52
C PHE B 362 18.27 -4.60 -15.21
N THR B 363 17.07 -4.64 -14.62
CA THR B 363 16.35 -3.43 -14.21
C THR B 363 16.15 -3.48 -12.72
N ILE B 364 15.50 -2.47 -12.17
CA ILE B 364 15.13 -2.49 -10.75
C ILE B 364 14.05 -3.56 -10.55
N LYS B 365 13.32 -3.87 -11.62
CA LYS B 365 12.26 -4.85 -11.58
C LYS B 365 12.80 -6.28 -11.60
N SER B 366 14.00 -6.47 -12.13
CA SER B 366 14.64 -7.79 -12.11
C SER B 366 15.12 -8.08 -10.70
N ASP B 367 15.31 -7.01 -9.92
CA ASP B 367 15.68 -7.12 -8.51
C ASP B 367 14.46 -7.46 -7.64
N VAL B 368 13.31 -6.91 -8.02
CA VAL B 368 12.05 -7.21 -7.36
C VAL B 368 11.80 -8.71 -7.40
N TRP B 369 12.01 -9.31 -8.55
CA TRP B 369 11.93 -10.75 -8.72
C TRP B 369 12.87 -11.41 -7.71
N SER B 370 14.10 -10.94 -7.69
CA SER B 370 15.11 -11.47 -6.80
C SER B 370 14.74 -11.22 -5.34
N PHE B 371 13.93 -10.20 -5.10
CA PHE B 371 13.49 -9.93 -3.74
C PHE B 371 12.52 -11.01 -3.28
N GLY B 372 11.65 -11.43 -4.18
CA GLY B 372 10.76 -12.54 -3.91
C GLY B 372 11.44 -13.83 -3.51
N ILE B 373 12.48 -14.24 -4.24
CA ILE B 373 13.18 -15.45 -3.89
C ILE B 373 13.85 -15.26 -2.54
N LEU B 374 14.34 -14.05 -2.31
CA LEU B 374 14.97 -13.68 -1.04
C LEU B 374 13.96 -13.80 0.09
N LEU B 375 12.81 -13.15 -0.09
CA LEU B 375 11.67 -13.29 0.82
C LEU B 375 11.44 -14.77 1.19
N MET B 376 11.46 -15.63 0.17
CA MET B 376 11.26 -17.07 0.35
C MET B 376 12.40 -17.70 1.17
N GLU B 377 13.65 -17.35 0.84
CA GLU B 377 14.81 -17.83 1.60
C GLU B 377 14.68 -17.46 3.07
N ILE B 378 14.23 -16.24 3.33
CA ILE B 378 14.10 -15.73 4.70
C ILE B 378 13.12 -16.57 5.51
N VAL B 379 12.02 -16.93 4.87
CA VAL B 379 10.91 -17.63 5.54
C VAL B 379 11.15 -19.13 5.66
N THR B 380 12.12 -19.63 4.90
CA THR B 380 12.57 -21.02 5.04
C THR B 380 13.92 -21.14 5.73
N TYR B 381 14.30 -20.08 6.44
CA TYR B 381 15.56 -20.04 7.21
C TYR B 381 16.81 -20.37 6.38
N GLY B 382 16.85 -19.85 5.15
CA GLY B 382 18.04 -19.93 4.34
C GLY B 382 18.11 -21.16 3.48
N ARG B 383 17.00 -21.88 3.41
CA ARG B 383 16.87 -23.04 2.55
C ARG B 383 17.11 -22.61 1.11
N ILE B 384 17.69 -23.50 0.31
CA ILE B 384 18.04 -23.20 -1.08
C ILE B 384 16.77 -23.20 -1.93
N PRO B 385 16.56 -22.15 -2.76
CA PRO B 385 15.36 -22.13 -3.61
C PRO B 385 15.27 -23.36 -4.54
N TYR B 386 14.04 -23.77 -4.88
CA TYR B 386 13.82 -24.98 -5.66
C TYR B 386 14.65 -26.19 -5.21
N PRO B 387 14.31 -26.79 -4.05
CA PRO B 387 15.03 -28.00 -3.62
C PRO B 387 14.89 -29.17 -4.62
N GLY B 388 15.84 -30.11 -4.59
CA GLY B 388 15.86 -31.25 -5.50
C GLY B 388 15.95 -30.90 -6.97
N MET B 389 16.07 -29.60 -7.25
CA MET B 389 15.85 -29.05 -8.57
C MET B 389 17.09 -28.29 -9.03
N SER B 390 17.44 -28.42 -10.30
CA SER B 390 18.65 -27.79 -10.82
C SER B 390 18.34 -26.65 -11.78
N ASN B 391 19.40 -25.94 -12.15
CA ASN B 391 19.30 -24.71 -12.95
C ASN B 391 18.61 -24.81 -14.32
N PRO B 392 18.93 -25.86 -15.11
CA PRO B 392 18.21 -25.98 -16.38
C PRO B 392 16.77 -26.45 -16.13
N GLU B 393 16.59 -27.32 -15.14
CA GLU B 393 15.27 -27.83 -14.77
C GLU B 393 14.37 -26.73 -14.21
N VAL B 394 14.97 -25.58 -13.90
CA VAL B 394 14.24 -24.41 -13.41
C VAL B 394 13.88 -23.45 -14.54
N ILE B 395 14.82 -23.19 -15.44
CA ILE B 395 14.56 -22.32 -16.60
C ILE B 395 13.42 -22.87 -17.47
N ARG B 396 13.29 -24.20 -17.50
CA ARG B 396 12.22 -24.86 -18.25
C ARG B 396 10.95 -24.94 -17.41
N ALA B 397 11.08 -24.80 -16.10
CA ALA B 397 9.92 -24.78 -15.22
C ALA B 397 9.26 -23.41 -15.18
N LEU B 398 10.07 -22.36 -15.32
CA LEU B 398 9.57 -20.99 -15.30
C LEU B 398 8.74 -20.66 -16.53
N GLU B 399 9.20 -21.09 -17.70
CA GLU B 399 8.42 -20.90 -18.91
C GLU B 399 7.07 -21.63 -18.79
N ARG B 400 7.14 -22.87 -18.32
CA ARG B 400 5.95 -23.71 -18.10
C ARG B 400 4.94 -23.07 -17.15
N GLY B 401 5.40 -22.09 -16.37
CA GLY B 401 4.54 -21.37 -15.45
C GLY B 401 4.56 -21.87 -14.02
N TYR B 402 5.65 -22.52 -13.62
CA TYR B 402 5.79 -23.00 -12.24
C TYR B 402 6.33 -21.91 -11.33
N ARG B 403 5.86 -21.91 -10.09
CA ARG B 403 6.41 -21.07 -9.04
C ARG B 403 6.46 -21.94 -7.79
N MET B 404 7.29 -21.55 -6.83
CA MET B 404 7.44 -22.31 -5.59
C MET B 404 6.15 -22.32 -4.77
N PRO B 405 5.84 -23.47 -4.14
CA PRO B 405 4.66 -23.56 -3.26
C PRO B 405 4.84 -22.78 -1.95
N ARG B 406 3.75 -22.35 -1.36
CA ARG B 406 3.75 -21.70 -0.04
C ARG B 406 4.24 -22.71 0.99
N PRO B 407 5.32 -22.38 1.73
CA PRO B 407 5.77 -23.24 2.84
C PRO B 407 4.78 -23.17 4.01
N GLU B 408 4.81 -24.17 4.90
CA GLU B 408 3.79 -24.30 5.94
C GLU B 408 3.77 -23.15 6.94
N ASN B 409 4.94 -22.57 7.19
CA ASN B 409 5.09 -21.48 8.15
C ASN B 409 4.94 -20.09 7.54
N CYS B 410 4.55 -20.03 6.26
CA CYS B 410 4.46 -18.76 5.54
C CYS B 410 3.03 -18.25 5.49
N PRO B 411 2.79 -17.04 6.05
CA PRO B 411 1.44 -16.45 5.96
C PRO B 411 0.94 -16.28 4.51
N GLU B 412 -0.35 -16.57 4.30
CA GLU B 412 -0.94 -16.50 2.96
C GLU B 412 -0.75 -15.15 2.27
N GLU B 413 -0.77 -14.09 3.08
CA GLU B 413 -0.73 -12.72 2.59
C GLU B 413 0.72 -12.33 2.20
N LEU B 414 1.69 -13.08 2.72
CA LEU B 414 3.10 -12.91 2.35
C LEU B 414 3.46 -13.66 1.07
N TYR B 415 2.77 -14.76 0.80
CA TYR B 415 2.98 -15.49 -0.44
C TYR B 415 2.56 -14.60 -1.60
N ASN B 416 1.49 -13.82 -1.39
CA ASN B 416 1.00 -12.88 -2.39
C ASN B 416 2.05 -11.87 -2.89
N ILE B 417 2.83 -11.31 -1.96
CA ILE B 417 3.95 -10.44 -2.31
C ILE B 417 4.94 -11.15 -3.24
N MET B 418 5.37 -12.35 -2.85
CA MET B 418 6.32 -13.14 -3.63
C MET B 418 5.82 -13.35 -5.05
N MET B 419 4.58 -13.83 -5.13
CA MET B 419 3.89 -14.13 -6.40
C MET B 419 3.73 -12.88 -7.27
N ARG B 420 3.65 -11.72 -6.63
CA ARG B 420 3.60 -10.44 -7.32
C ARG B 420 4.99 -10.00 -7.76
N CYS B 421 6.00 -10.41 -7.00
CA CYS B 421 7.39 -10.16 -7.37
C CYS B 421 7.75 -11.03 -8.56
N TRP B 422 7.07 -12.15 -8.67
CA TRP B 422 7.40 -13.15 -9.69
C TRP B 422 6.45 -13.16 -10.88
N LYS B 423 6.04 -11.98 -11.34
CA LYS B 423 5.20 -11.92 -12.52
C LYS B 423 6.06 -11.93 -13.77
N ASN B 424 5.61 -12.63 -14.81
CA ASN B 424 6.31 -12.68 -16.08
C ASN B 424 6.65 -11.28 -16.57
N ARG B 425 5.64 -10.41 -16.61
CA ARG B 425 5.85 -9.03 -17.03
C ARG B 425 6.57 -8.23 -15.95
N PRO B 426 7.71 -7.62 -16.30
CA PRO B 426 8.50 -6.76 -15.39
C PRO B 426 7.73 -5.54 -14.85
N GLU B 427 6.71 -5.09 -15.56
CA GLU B 427 5.96 -3.89 -15.17
C GLU B 427 4.79 -4.21 -14.24
N GLU B 428 4.39 -5.47 -14.22
CA GLU B 428 3.34 -5.96 -13.31
C GLU B 428 3.87 -6.09 -11.89
N ARG B 429 5.19 -6.21 -11.77
CA ARG B 429 5.87 -6.30 -10.49
C ARG B 429 5.80 -4.96 -9.75
N PRO B 430 5.53 -5.02 -8.44
CA PRO B 430 5.43 -3.82 -7.60
C PRO B 430 6.77 -3.09 -7.42
N THR B 431 6.70 -1.87 -6.91
CA THR B 431 7.88 -1.10 -6.52
C THR B 431 8.39 -1.53 -5.14
N PHE B 432 9.67 -1.28 -4.85
CA PHE B 432 10.19 -1.53 -3.51
C PHE B 432 9.58 -0.54 -2.53
N GLU B 433 9.19 0.62 -3.06
CA GLU B 433 8.51 1.63 -2.25
C GLU B 433 7.19 1.09 -1.70
N TYR B 434 6.42 0.39 -2.55
CA TYR B 434 5.18 -0.27 -2.14
C TYR B 434 5.45 -1.45 -1.21
N ILE B 435 6.41 -2.30 -1.60
CA ILE B 435 6.80 -3.47 -0.83
C ILE B 435 7.22 -3.04 0.59
N GLN B 436 7.97 -1.96 0.69
CA GLN B 436 8.43 -1.50 1.99
C GLN B 436 7.22 -1.03 2.80
N SER B 437 6.35 -0.26 2.15
CA SER B 437 5.10 0.22 2.75
C SER B 437 4.27 -0.90 3.38
N VAL B 438 4.21 -2.03 2.67
CA VAL B 438 3.39 -3.15 3.10
C VAL B 438 4.07 -3.96 4.19
N LEU B 439 5.34 -4.26 3.98
CA LEU B 439 6.09 -5.05 4.95
C LEU B 439 6.23 -4.33 6.30
N ASP B 440 6.41 -3.02 6.26
CA ASP B 440 6.53 -2.20 7.47
C ASP B 440 5.31 -2.26 8.40
N ASP B 441 4.11 -2.18 7.83
CA ASP B 441 2.92 -2.14 8.65
C ASP B 441 2.15 -3.45 8.52
N PHE B 442 2.88 -4.50 8.19
CA PHE B 442 2.31 -5.81 7.94
C PHE B 442 1.36 -6.29 9.03
N TYR B 443 1.67 -5.98 10.28
CA TYR B 443 0.84 -6.42 11.41
C TYR B 443 -0.05 -5.31 11.96
N THR B 444 -0.07 -4.17 11.27
CA THR B 444 -0.86 -3.01 11.69
C THR B 444 -1.86 -2.48 10.63
N ALA B 445 -3.12 -2.33 11.02
CA ALA B 445 -4.10 -1.64 10.18
C ALA B 445 -3.77 -0.16 10.15
N THR B 446 -3.91 0.45 8.98
CA THR B 446 -3.60 1.85 8.78
C THR B 446 -4.18 2.75 9.87
N GLU B 447 -5.46 2.58 10.18
CA GLU B 447 -6.15 3.40 11.19
C GLU B 447 -5.53 3.26 12.59
N SER B 448 -4.89 2.11 12.83
CA SER B 448 -4.26 1.82 14.13
C SER B 448 -2.83 2.38 14.33
N GLN B 449 -2.23 2.95 13.28
CA GLN B 449 -0.87 3.49 13.32
C GLN B 449 -0.67 4.49 14.47
N PTR B 450 -1.39 5.61 14.39
CA PTR B 450 -1.45 6.58 15.50
C PTR B 450 -2.68 6.31 16.35
O PTR B 450 -3.71 5.92 15.83
CB PTR B 450 -1.30 8.03 14.99
CG PTR B 450 0.12 8.30 14.56
CD1 PTR B 450 1.08 8.64 15.51
CD2 PTR B 450 0.52 8.14 13.25
CE1 PTR B 450 2.40 8.85 15.15
CE2 PTR B 450 1.83 8.36 12.87
CZ PTR B 450 2.76 8.72 13.83
OH PTR B 450 4.02 8.89 13.50
P PTR B 450 4.54 10.15 12.65
O1P PTR B 450 4.17 9.92 11.23
O2P PTR B 450 6.07 10.19 12.78
O3P PTR B 450 3.93 11.43 13.23
N GLU B 451 -2.57 6.47 17.66
CA GLU B 451 -3.69 6.18 18.54
C GLU B 451 -4.66 7.36 18.49
N GLU B 452 -5.95 7.09 18.71
CA GLU B 452 -6.94 8.15 18.88
C GLU B 452 -7.01 8.56 20.36
N ILE B 453 -7.36 9.81 20.62
CA ILE B 453 -7.42 10.30 22.00
C ILE B 453 -8.77 10.98 22.32
N PRO B 454 -9.27 10.80 23.56
CA PRO B 454 -10.47 11.52 24.03
C PRO B 454 -10.25 13.03 24.08
CAR VSG C . -29.66 15.37 -10.19
CAS VSG C . -29.00 16.72 -9.93
NAT VSG C . -28.77 16.77 -8.50
CAW VSG C . -29.41 17.82 -7.71
CAU VSG C . -27.89 15.81 -7.85
CAV VSG C . -27.70 14.62 -8.79
CAQ VSG C . -28.98 14.19 -9.51
NAG VSG C . -28.62 13.16 -10.54
CAH VSG C . -27.76 13.33 -11.55
C4 VSG C . -29.09 11.90 -10.59
N3 VSG C . -29.98 11.26 -9.78
C2 VSG C . -30.32 9.99 -10.02
N1 VSG C . -29.79 9.31 -11.05
C6 VSG C . -28.90 9.90 -11.89
NAK VSG C . -28.42 9.15 -12.91
C5 VSG C . -28.53 11.24 -11.67
CAI VSG C . -27.65 12.16 -12.29
CAJ VSG C . -26.81 12.02 -13.52
CAP VSG C . -27.26 11.23 -14.58
CAO VSG C . -26.53 11.12 -15.76
CAL VSG C . -25.64 12.76 -13.69
CAM VSG C . -24.91 12.65 -14.88
CAN VSG C . -25.33 11.80 -15.92
OAX VSG C . -24.67 11.69 -17.11
CAY VSG C . -23.39 11.20 -17.33
CAZ VSG C . -22.61 11.77 -18.35
CBA VSG C . -21.33 11.30 -18.61
CBB VSG C . -20.81 10.25 -17.87
CBC VSG C . -21.58 9.67 -16.86
CBD VSG C . -22.87 10.14 -16.60
CA CA D . -3.52 -14.53 8.94
CA CA E . -6.29 6.67 14.83
CAR VSG F . 32.04 -13.05 4.18
CAS VSG F . 31.58 -14.22 3.30
NAT VSG F . 30.71 -15.00 4.16
CAW VSG F . 31.09 -16.35 4.56
CAU VSG F . 29.44 -14.44 4.61
CAV VSG F . 29.56 -12.92 4.61
CAQ VSG F . 30.95 -12.45 5.06
NAG VSG F . 31.03 -10.96 4.95
CAH VSG F . 31.11 -10.29 3.80
C4 VSG F . 31.02 -10.09 5.97
N3 VSG F . 30.96 -10.27 7.32
C2 VSG F . 30.98 -9.21 8.14
N1 VSG F . 31.06 -7.96 7.68
C6 VSG F . 31.14 -7.71 6.35
NAK VSG F . 31.22 -6.42 5.93
C5 VSG F . 31.12 -8.79 5.46
CAI VSG F . 31.15 -8.92 4.06
CAJ VSG F . 31.30 -7.90 2.97
CAP VSG F . 32.20 -6.86 3.15
CAO VSG F . 32.39 -5.93 2.14
CAL VSG F . 30.63 -8.04 1.76
CAM VSG F . 30.82 -7.10 0.74
CAN VSG F . 31.69 -6.04 0.94
OAX VSG F . 31.95 -5.10 -0.03
CAY VSG F . 31.05 -4.37 -0.76
CAZ VSG F . 31.31 -4.12 -2.11
CBA VSG F . 30.43 -3.35 -2.85
CBB VSG F . 29.29 -2.83 -2.26
CBC VSG F . 29.04 -3.07 -0.90
CBD VSG F . 29.92 -3.82 -0.15
#